data_9KW6
#
_entry.id   9KW6
#
_cell.length_a   126.806
_cell.length_b   177.677
_cell.length_c   62.560
_cell.angle_alpha   90.000
_cell.angle_beta   90.000
_cell.angle_gamma   90.000
#
_symmetry.space_group_name_H-M   'P 21 21 2'
#
loop_
_entity.id
_entity.type
_entity.pdbx_description
1 polymer MonBI,MonBII
2 polymer MonBI,MonBII
3 non-polymer GLYCEROL
4 non-polymer DI(HYDROXYETHYL)ETHER
5 water water
#
loop_
_entity_poly.entity_id
_entity_poly.type
_entity_poly.pdbx_seq_one_letter_code
_entity_poly.pdbx_strand_id
1 'polypeptide(L)'
;MNHKVHHHHHHIEGAAMNEFARKKRALEHSRRINAGDLDAIIDLYAPDAVLEDPVGLPPVTGHDALRAHYEPLLAAHLRE
EAAEPVAGQDATHALIQISSVMDYLPVGPLYAERGWLKAPDAPGTARIHRTAMLVIRMDASGLIRHLKSYWGTSDLSGGS
GPAADEAARKQMAVDYAERINAGDIEGVLDLFTDDIVFEDPVGRPPMVGKDDLRRHLELAVSCGTHEVPDPPMTSMDDRF
VVTPTTVTVQRPRPMTFRIVGIVELDEHGLGRRVQAFWGVTDVTMDDRVQAFWGVTDVTMDD
;
A,B,D
2 'polypeptide(L)'
;MNHKVHHHHHHIEGAAMNEFARKKRALEHSRRINAGDLDAIIDLYAPDAVLEDPVGLPPVTGHDALRAHYEPLLAAHLRE
EAAEPVAGQDATHALIQISSVMDYLPVGPLYAERGWLKAPDAPGTARIHRTAMLVIRMDASGLIRHLKSYWGTSDLSGGS
GPAPDEAARKQMAVDYAERINAGDIEGVLDLFTDDIVFEDPVGRPPMVGKDDLRRHLELAVSCGTHEVPDPPMTSMDDRF
VVTPTTVTVQRPRPMTFRIVGIVELDEHGLGRRVQAFWGVTDVTMDDRVQAFWGVTDVTMDD
;
C
#
loop_
_chem_comp.id
_chem_comp.type
_chem_comp.name
_chem_comp.formula
GOL non-polymer GLYCEROL 'C3 H8 O3'
PEG non-polymer DI(HYDROXYETHYL)ETHER 'C4 H10 O3'
#
# COMPACT_ATOMS: atom_id res chain seq x y z
N ALA A 15 49.10 1.77 -9.33
CA ALA A 15 48.43 0.54 -8.93
C ALA A 15 47.01 0.85 -8.42
N ALA A 16 46.85 0.91 -7.11
CA ALA A 16 45.60 1.37 -6.49
C ALA A 16 45.50 2.88 -6.46
N MET A 17 46.04 3.54 -7.49
CA MET A 17 46.02 5.00 -7.56
C MET A 17 44.60 5.50 -7.85
N ASN A 18 43.90 4.80 -8.74
CA ASN A 18 42.51 5.12 -9.01
C ASN A 18 41.67 5.04 -7.73
N GLU A 19 42.04 4.16 -6.78
CA GLU A 19 41.31 4.08 -5.51
C GLU A 19 41.34 5.40 -4.76
N PHE A 20 42.51 6.05 -4.69
CA PHE A 20 42.59 7.34 -4.00
C PHE A 20 41.82 8.42 -4.75
N ALA A 21 41.85 8.38 -6.08
CA ALA A 21 41.09 9.35 -6.85
C ALA A 21 39.64 9.32 -6.42
N ARG A 22 39.05 8.12 -6.38
CA ARG A 22 37.65 7.98 -6.02
C ARG A 22 37.38 8.49 -4.60
N LYS A 23 38.26 8.13 -3.65
CA LYS A 23 38.09 8.55 -2.26
C LYS A 23 38.17 10.06 -2.15
N LYS A 24 39.20 10.66 -2.75
CA LYS A 24 39.26 12.12 -2.80
C LYS A 24 37.97 12.68 -3.37
N ARG A 25 37.45 12.11 -4.44
CA ARG A 25 36.24 12.65 -5.04
C ARG A 25 35.05 12.53 -4.09
N ALA A 26 34.95 11.41 -3.39
CA ALA A 26 33.92 11.26 -2.37
C ALA A 26 33.99 12.40 -1.36
N LEU A 27 35.19 12.75 -0.91
CA LEU A 27 35.30 13.85 0.04
C LEU A 27 35.01 15.19 -0.61
N GLU A 28 35.38 15.36 -1.86
CA GLU A 28 35.06 16.63 -2.50
C GLU A 28 33.56 16.85 -2.58
N HIS A 29 32.81 15.80 -2.89
CA HIS A 29 31.36 15.90 -2.92
C HIS A 29 30.85 16.50 -1.61
N SER A 30 31.29 15.94 -0.49
CA SER A 30 30.88 16.48 0.80
C SER A 30 31.40 17.90 0.98
N ARG A 31 32.59 18.17 0.48
CA ARG A 31 33.18 19.51 0.56
C ARG A 31 32.28 20.53 -0.15
N ARG A 32 31.78 20.20 -1.34
CA ARG A 32 30.93 21.13 -2.07
C ARG A 32 29.56 21.29 -1.42
N ILE A 33 29.09 20.28 -0.71
CA ILE A 33 27.82 20.42 0.01
C ILE A 33 27.96 21.49 1.08
N ASN A 34 28.97 21.34 1.94
CA ASN A 34 29.15 22.32 3.01
C ASN A 34 29.40 23.71 2.45
N ALA A 35 30.06 23.80 1.29
CA ALA A 35 30.29 25.10 0.68
C ALA A 35 28.98 25.76 0.26
N GLY A 36 27.95 24.97 -0.07
CA GLY A 36 26.67 25.52 -0.41
C GLY A 36 26.46 25.92 -1.86
N ASP A 37 27.48 25.82 -2.71
CA ASP A 37 27.32 26.21 -4.12
C ASP A 37 26.73 25.04 -4.91
N LEU A 38 25.50 25.24 -5.43
CA LEU A 38 24.75 24.16 -6.05
C LEU A 38 25.32 23.77 -7.41
N ASP A 39 25.78 24.75 -8.19
CA ASP A 39 26.40 24.41 -9.47
C ASP A 39 27.63 23.55 -9.26
N ALA A 40 28.44 23.89 -8.26
CA ALA A 40 29.62 23.09 -7.98
C ALA A 40 29.23 21.65 -7.68
N ILE A 41 28.09 21.46 -7.01
CA ILE A 41 27.66 20.12 -6.70
C ILE A 41 27.25 19.40 -7.97
N ILE A 42 26.36 19.99 -8.77
CA ILE A 42 25.89 19.31 -9.97
C ILE A 42 27.07 18.99 -10.89
N ASP A 43 28.13 19.81 -10.83
CA ASP A 43 29.28 19.57 -11.69
C ASP A 43 29.90 18.21 -11.44
N LEU A 44 29.79 17.68 -10.23
CA LEU A 44 30.35 16.37 -9.96
C LEU A 44 29.55 15.25 -10.59
N TYR A 45 28.41 15.54 -11.18
CA TYR A 45 27.48 14.53 -11.66
C TYR A 45 27.45 14.50 -13.17
N ALA A 46 27.44 13.28 -13.72
CA ALA A 46 27.12 13.07 -15.13
C ALA A 46 25.68 13.49 -15.41
N PRO A 47 25.37 13.90 -16.65
CA PRO A 47 24.02 14.41 -16.97
C PRO A 47 22.91 13.39 -16.84
N ASP A 48 23.21 12.10 -16.94
CA ASP A 48 22.24 11.03 -16.80
C ASP A 48 22.36 10.32 -15.45
N ALA A 49 22.95 10.99 -14.45
CA ALA A 49 23.23 10.33 -13.19
C ALA A 49 21.93 9.92 -12.50
N VAL A 50 22.04 8.97 -11.58
CA VAL A 50 20.88 8.43 -10.89
C VAL A 50 21.13 8.59 -9.42
N LEU A 51 20.12 9.07 -8.68
CA LEU A 51 20.26 9.32 -7.26
C LEU A 51 19.16 8.61 -6.51
N GLU A 52 19.52 7.89 -5.45
CA GLU A 52 18.55 7.32 -4.52
C GLU A 52 18.90 7.84 -3.14
N ASP A 53 18.03 8.67 -2.59
CA ASP A 53 18.26 9.27 -1.28
C ASP A 53 16.91 9.47 -0.59
N PRO A 54 16.54 8.59 0.37
CA PRO A 54 17.25 7.44 0.90
C PRO A 54 16.99 6.25 0.03
N VAL A 55 17.84 5.23 0.10
CA VAL A 55 17.56 3.98 -0.59
C VAL A 55 16.24 3.41 -0.08
N GLY A 56 15.34 3.11 -1.01
CA GLY A 56 13.97 2.73 -0.69
C GLY A 56 12.98 3.68 -1.29
N LEU A 57 13.37 4.84 -1.50
CA LEU A 57 12.54 5.72 -2.29
C LEU A 57 12.87 5.51 -3.76
N PRO A 58 11.87 5.61 -4.64
CA PRO A 58 12.13 5.47 -6.09
C PRO A 58 13.21 6.41 -6.54
N PRO A 59 14.08 5.97 -7.44
CA PRO A 59 15.22 6.78 -7.84
C PRO A 59 14.80 7.97 -8.69
N VAL A 60 15.77 8.85 -8.88
CA VAL A 60 15.64 10.14 -9.55
C VAL A 60 16.81 10.31 -10.52
N THR A 61 16.56 10.93 -11.69
CA THR A 61 17.56 11.00 -12.77
C THR A 61 17.68 12.38 -13.40
N GLY A 62 18.90 12.79 -13.67
CA GLY A 62 19.25 13.95 -14.46
C GLY A 62 19.50 15.20 -13.64
N HIS A 63 20.33 16.10 -14.19
CA HIS A 63 20.68 17.34 -13.50
C HIS A 63 19.44 18.10 -13.00
N ASP A 64 18.37 18.12 -13.79
CA ASP A 64 17.18 18.86 -13.40
C ASP A 64 16.61 18.32 -12.11
N ALA A 65 16.48 17.01 -12.03
CA ALA A 65 15.96 16.39 -10.81
C ALA A 65 16.95 16.53 -9.64
N LEU A 66 18.24 16.48 -9.94
CA LEU A 66 19.25 16.69 -8.90
C LEU A 66 19.10 18.08 -8.28
N ARG A 67 18.96 19.11 -9.10
CA ARG A 67 18.82 20.45 -8.54
C ARG A 67 17.58 20.53 -7.64
N ALA A 68 16.48 19.92 -8.07
CA ALA A 68 15.31 19.92 -7.20
C ALA A 68 15.61 19.20 -5.90
N HIS A 69 16.50 18.20 -5.93
CA HIS A 69 16.82 17.47 -4.71
C HIS A 69 17.80 18.24 -3.83
N TYR A 70 18.79 18.90 -4.41
CA TYR A 70 19.80 19.50 -3.55
C TYR A 70 19.42 20.89 -3.10
N GLU A 71 18.66 21.64 -3.89
CA GLU A 71 18.41 23.02 -3.52
C GLU A 71 17.73 23.16 -2.16
N PRO A 72 16.61 22.47 -1.87
CA PRO A 72 16.02 22.62 -0.52
C PRO A 72 16.96 22.16 0.59
N LEU A 73 17.77 21.13 0.37
CA LEU A 73 18.76 20.75 1.37
C LEU A 73 19.72 21.91 1.67
N LEU A 74 20.33 22.48 0.63
CA LEU A 74 21.25 23.60 0.82
C LEU A 74 20.55 24.76 1.48
N ALA A 75 19.29 24.97 1.13
CA ALA A 75 18.47 26.00 1.75
C ALA A 75 18.34 25.79 3.26
N ALA A 76 18.28 24.54 3.70
CA ALA A 76 18.25 24.27 5.13
C ALA A 76 19.64 24.33 5.77
N HIS A 77 20.63 24.85 5.06
CA HIS A 77 21.97 25.08 5.59
C HIS A 77 22.58 23.77 6.09
N LEU A 78 22.26 22.71 5.36
CA LEU A 78 22.80 21.39 5.63
C LEU A 78 24.32 21.43 5.74
N ARG A 79 24.86 20.79 6.77
CA ARG A 79 26.28 20.65 6.97
C ARG A 79 26.64 19.18 7.19
N GLU A 80 27.81 18.77 6.69
CA GLU A 80 28.24 17.38 6.71
C GLU A 80 29.61 17.24 7.38
N GLU A 81 29.73 16.18 8.17
CA GLU A 81 30.99 15.67 8.72
C GLU A 81 31.20 14.28 8.13
N ALA A 82 32.25 14.10 7.35
CA ALA A 82 32.46 12.84 6.65
C ALA A 82 33.52 12.00 7.35
N ALA A 83 33.30 10.68 7.44
CA ALA A 83 34.37 9.82 7.91
C ALA A 83 35.34 9.56 6.76
N GLU A 84 36.45 8.90 7.05
CA GLU A 84 37.34 8.72 5.91
C GLU A 84 36.81 7.59 5.03
N PRO A 85 36.69 7.79 3.72
CA PRO A 85 36.07 6.79 2.84
C PRO A 85 36.83 5.46 2.78
N VAL A 86 36.16 4.49 2.18
CA VAL A 86 36.82 3.29 1.69
C VAL A 86 36.50 3.17 0.19
N ALA A 87 37.36 2.43 -0.50
CA ALA A 87 37.21 2.22 -1.93
C ALA A 87 36.75 0.78 -2.18
N GLY A 88 36.05 0.59 -3.30
CA GLY A 88 35.76 -0.75 -3.78
C GLY A 88 36.83 -1.21 -4.74
N GLN A 89 37.03 -2.52 -4.86
CA GLN A 89 38.08 -3.00 -5.77
C GLN A 89 37.58 -3.23 -7.19
N ASP A 90 36.91 -2.24 -7.78
CA ASP A 90 36.32 -2.42 -9.10
C ASP A 90 36.47 -1.20 -9.97
N ALA A 91 37.34 -0.27 -9.58
CA ALA A 91 37.61 0.96 -10.34
C ALA A 91 36.37 1.85 -10.49
N THR A 92 35.32 1.70 -9.68
CA THR A 92 34.22 2.65 -9.79
C THR A 92 33.72 3.19 -8.46
N HIS A 93 33.79 2.39 -7.39
CA HIS A 93 33.01 2.65 -6.18
C HIS A 93 33.85 3.27 -5.07
N ALA A 94 33.26 4.25 -4.40
CA ALA A 94 33.74 4.77 -3.15
C ALA A 94 32.57 4.81 -2.20
N LEU A 95 32.81 4.53 -0.93
CA LEU A 95 31.78 4.52 0.09
C LEU A 95 32.19 5.47 1.18
N ILE A 96 31.23 6.22 1.75
CA ILE A 96 31.60 7.22 2.75
C ILE A 96 30.42 7.48 3.67
N GLN A 97 30.69 7.50 4.97
CA GLN A 97 29.69 7.77 5.99
C GLN A 97 29.61 9.25 6.29
N ILE A 98 28.38 9.74 6.48
CA ILE A 98 28.12 11.17 6.64
C ILE A 98 27.26 11.37 7.87
N SER A 99 27.59 12.37 8.68
CA SER A 99 26.65 12.90 9.67
C SER A 99 26.26 14.32 9.26
N SER A 100 24.95 14.53 9.13
CA SER A 100 24.32 15.74 8.65
C SER A 100 23.61 16.44 9.79
N VAL A 101 23.53 17.76 9.67
CA VAL A 101 22.53 18.52 10.41
C VAL A 101 21.99 19.57 9.46
N MET A 102 20.67 19.80 9.54
CA MET A 102 19.99 20.77 8.69
C MET A 102 18.82 21.35 9.44
N ASP A 103 18.35 22.50 8.94
CA ASP A 103 17.09 23.08 9.43
C ASP A 103 15.96 22.11 9.19
N TYR A 104 15.01 22.11 10.11
CA TYR A 104 13.84 21.28 9.86
C TYR A 104 13.07 21.78 8.65
N LEU A 105 13.00 23.08 8.46
CA LEU A 105 12.31 23.50 7.25
C LEU A 105 13.31 23.71 6.13
N PRO A 106 12.95 23.41 4.88
CA PRO A 106 11.65 22.92 4.37
C PRO A 106 11.48 21.44 4.16
N VAL A 107 12.47 20.59 4.35
CA VAL A 107 12.27 19.19 3.98
C VAL A 107 11.60 18.41 5.08
N GLY A 108 11.80 18.83 6.34
CA GLY A 108 11.24 18.18 7.49
C GLY A 108 9.80 17.80 7.32
N PRO A 109 8.97 18.75 6.91
CA PRO A 109 7.57 18.44 6.66
C PRO A 109 7.38 17.29 5.68
N LEU A 110 8.21 17.23 4.64
CA LEU A 110 8.11 16.13 3.69
C LEU A 110 8.39 14.79 4.37
N TYR A 111 9.38 14.77 5.28
CA TYR A 111 9.66 13.57 6.05
C TYR A 111 8.50 13.22 6.99
N ALA A 112 7.96 14.23 7.66
CA ALA A 112 6.86 14.01 8.58
C ALA A 112 5.66 13.42 7.86
N GLU A 113 5.37 13.94 6.67
CA GLU A 113 4.27 13.39 5.89
C GLU A 113 4.44 11.89 5.66
N ARG A 114 5.66 11.45 5.33
CA ARG A 114 5.93 10.05 5.04
CA ARG A 114 5.89 10.04 5.05
C ARG A 114 6.04 9.18 6.29
N GLY A 115 5.72 9.72 7.47
CA GLY A 115 5.87 8.94 8.68
C GLY A 115 7.30 8.61 9.08
N TRP A 116 8.27 9.34 8.55
CA TRP A 116 9.66 9.09 8.88
C TRP A 116 10.05 9.81 10.15
N LEU A 117 9.23 10.75 10.56
CA LEU A 117 9.55 11.78 11.52
C LEU A 117 8.29 12.12 12.29
N LYS A 118 8.44 12.44 13.56
CA LYS A 118 7.38 13.09 14.29
C LYS A 118 7.67 14.59 14.25
N ALA A 119 6.70 15.37 13.79
CA ALA A 119 6.93 16.80 13.56
C ALA A 119 7.24 17.51 14.86
N PRO A 120 8.17 18.45 14.86
CA PRO A 120 8.54 19.15 16.09
C PRO A 120 7.56 20.25 16.47
N ASP A 121 7.67 20.71 17.72
CA ASP A 121 6.77 21.74 18.20
C ASP A 121 7.23 23.15 17.89
N ALA A 122 8.45 23.34 17.40
CA ALA A 122 8.89 24.63 16.89
C ALA A 122 9.65 24.39 15.61
N PRO A 123 8.94 24.06 14.52
CA PRO A 123 9.64 23.65 13.29
C PRO A 123 10.56 24.72 12.75
N GLY A 124 10.31 25.98 13.10
CA GLY A 124 11.14 27.04 12.57
C GLY A 124 12.54 27.11 13.16
N THR A 125 12.80 26.45 14.27
CA THR A 125 14.14 26.45 14.84
C THR A 125 14.68 25.05 15.07
N ALA A 126 13.90 24.01 14.77
CA ALA A 126 14.31 22.61 14.91
C ALA A 126 15.39 22.24 13.90
N ARG A 127 16.13 21.19 14.21
CA ARG A 127 17.09 20.65 13.26
C ARG A 127 16.95 19.13 13.13
N ILE A 128 17.56 18.63 12.06
CA ILE A 128 17.45 17.24 11.68
C ILE A 128 18.85 16.64 11.53
N HIS A 129 19.15 15.67 12.37
CA HIS A 129 20.38 14.91 12.28
C HIS A 129 20.15 13.58 11.62
N ARG A 130 21.12 13.19 10.79
CA ARG A 130 21.04 12.01 9.98
C ARG A 130 22.42 11.39 9.96
N THR A 131 22.51 10.07 9.95
CA THR A 131 23.78 9.39 9.62
C THR A 131 23.51 8.44 8.47
N ALA A 132 24.30 8.55 7.41
CA ALA A 132 24.07 7.79 6.21
C ALA A 132 25.37 7.25 5.65
N MET A 133 25.24 6.21 4.83
CA MET A 133 26.35 5.67 4.06
C MET A 133 26.09 6.04 2.59
N LEU A 134 27.00 6.78 2.01
CA LEU A 134 26.90 7.12 0.60
C LEU A 134 27.71 6.11 -0.19
N VAL A 135 27.08 5.46 -1.15
CA VAL A 135 27.75 4.53 -2.04
C VAL A 135 27.76 5.16 -3.40
N ILE A 136 28.94 5.58 -3.86
CA ILE A 136 29.09 6.45 -5.02
C ILE A 136 29.77 5.67 -6.14
N ARG A 137 29.11 5.57 -7.28
CA ARG A 137 29.70 4.95 -8.47
C ARG A 137 30.14 6.03 -9.45
N MET A 138 31.44 6.05 -9.74
CA MET A 138 32.03 7.01 -10.66
C MET A 138 32.53 6.30 -11.91
N ASP A 139 32.55 7.03 -13.01
CA ASP A 139 33.07 6.50 -14.26
C ASP A 139 34.54 6.93 -14.38
N ALA A 140 35.18 6.52 -15.48
CA ALA A 140 36.63 6.66 -15.56
C ALA A 140 37.06 8.11 -15.41
N SER A 141 36.18 9.06 -15.78
CA SER A 141 36.44 10.50 -15.70
C SER A 141 36.20 11.10 -14.31
N GLY A 142 35.70 10.33 -13.34
CA GLY A 142 35.41 10.85 -12.01
C GLY A 142 34.03 11.47 -11.82
N LEU A 143 33.19 11.50 -12.84
CA LEU A 143 31.79 11.92 -12.70
C LEU A 143 30.96 10.84 -12.01
N ILE A 144 29.96 11.29 -11.26
CA ILE A 144 29.07 10.38 -10.55
C ILE A 144 28.01 9.86 -11.50
N ARG A 145 27.89 8.56 -11.58
CA ARG A 145 26.87 7.91 -12.38
C ARG A 145 25.67 7.49 -11.56
N HIS A 146 25.91 7.06 -10.33
CA HIS A 146 24.87 6.51 -9.49
C HIS A 146 25.29 6.68 -8.05
N LEU A 147 24.43 7.32 -7.27
CA LEU A 147 24.68 7.59 -5.86
C LEU A 147 23.52 7.04 -5.08
N LYS A 148 23.82 6.16 -4.14
CA LYS A 148 22.84 5.61 -3.21
C LYS A 148 23.13 6.17 -1.82
N SER A 149 22.09 6.67 -1.17
CA SER A 149 22.21 7.22 0.17
C SER A 149 21.42 6.31 1.10
N TYR A 150 22.12 5.64 2.02
CA TYR A 150 21.51 4.68 2.93
C TYR A 150 21.19 5.35 4.27
N TRP A 151 19.91 5.52 4.56
CA TRP A 151 19.52 5.85 5.91
C TRP A 151 18.05 5.56 6.07
N GLY A 152 17.67 5.25 7.30
CA GLY A 152 16.31 4.89 7.61
C GLY A 152 15.84 5.60 8.86
N THR A 153 14.68 5.19 9.37
CA THR A 153 14.08 5.90 10.50
C THR A 153 14.94 5.87 11.74
N SER A 154 15.69 4.80 11.98
CA SER A 154 16.55 4.84 13.16
C SER A 154 17.85 5.60 12.94
N ASP A 155 18.05 6.19 11.76
CA ASP A 155 19.25 6.96 11.46
C ASP A 155 18.90 8.42 11.32
N LEU A 156 17.75 8.78 11.88
CA LEU A 156 17.14 10.08 11.74
C LEU A 156 16.76 10.54 13.13
N SER A 157 17.14 11.75 13.49
CA SER A 157 16.80 12.31 14.79
C SER A 157 15.50 13.08 14.63
N GLY A 158 14.42 12.57 15.22
CA GLY A 158 13.10 13.16 15.10
C GLY A 158 12.00 12.10 15.13
N GLY A 159 12.42 10.87 15.41
CA GLY A 159 11.52 9.74 15.36
C GLY A 159 11.97 8.83 14.24
N GLY A 161 16.00 8.45 17.15
CA GLY A 161 16.32 7.03 17.12
C GLY A 161 15.23 6.11 17.65
N PRO A 162 14.23 5.78 16.78
CA PRO A 162 13.08 4.95 17.21
C PRO A 162 13.22 3.49 16.82
N ALA A 163 14.41 2.93 17.08
CA ALA A 163 14.76 1.58 16.65
C ALA A 163 13.72 0.57 17.11
N ALA A 164 12.77 0.24 16.23
CA ALA A 164 11.65 -0.65 16.54
C ALA A 164 11.92 -2.06 16.01
N ASP A 165 11.27 -2.42 14.90
CA ASP A 165 11.67 -3.62 14.16
C ASP A 165 12.80 -3.34 13.17
N GLU A 166 13.22 -2.07 13.04
CA GLU A 166 14.49 -1.75 12.38
C GLU A 166 15.66 -2.13 13.28
N ALA A 167 15.53 -1.92 14.60
CA ALA A 167 16.55 -2.40 15.51
C ALA A 167 16.66 -3.92 15.50
N ALA A 168 15.58 -4.62 15.18
CA ALA A 168 15.68 -6.07 15.11
C ALA A 168 16.55 -6.51 13.94
N ARG A 169 16.55 -5.74 12.84
CA ARG A 169 17.42 -6.04 11.71
C ARG A 169 18.82 -5.47 11.89
N LYS A 170 18.96 -4.40 12.67
CA LYS A 170 20.30 -3.90 12.97
C LYS A 170 21.06 -4.87 13.86
N GLN A 171 20.35 -5.65 14.67
CA GLN A 171 20.97 -6.64 15.55
C GLN A 171 21.75 -7.68 14.75
N MET A 172 21.29 -7.94 13.53
CA MET A 172 21.99 -8.87 12.65
C MET A 172 23.44 -8.44 12.45
N ALA A 173 23.76 -7.16 12.62
CA ALA A 173 25.16 -6.75 12.52
C ALA A 173 25.92 -7.17 13.76
N VAL A 174 25.33 -6.91 14.93
CA VAL A 174 25.97 -7.27 16.18
C VAL A 174 26.17 -8.78 16.28
N ASP A 175 25.19 -9.55 15.79
CA ASP A 175 25.31 -11.01 15.88
C ASP A 175 26.45 -11.52 15.03
N TYR A 176 26.54 -11.05 13.78
CA TYR A 176 27.60 -11.50 12.90
C TYR A 176 28.95 -11.34 13.56
N ALA A 177 29.26 -10.11 14.00
CA ALA A 177 30.55 -9.85 14.61
C ALA A 177 30.75 -10.69 15.87
N GLU A 178 29.74 -10.75 16.73
CA GLU A 178 29.92 -11.48 17.99
C GLU A 178 30.15 -12.96 17.75
N ARG A 179 29.34 -13.57 16.87
CA ARG A 179 29.46 -15.00 16.62
C ARG A 179 30.78 -15.35 15.93
N ILE A 180 31.14 -14.61 14.87
CA ILE A 180 32.38 -14.93 14.16
C ILE A 180 33.60 -14.63 15.02
N ASN A 181 33.53 -13.62 15.88
CA ASN A 181 34.64 -13.40 16.81
C ASN A 181 34.83 -14.63 17.67
N ALA A 182 33.72 -15.26 18.07
CA ALA A 182 33.69 -16.45 18.89
C ALA A 182 33.97 -17.71 18.10
N GLY A 183 34.14 -17.62 16.80
CA GLY A 183 34.30 -18.84 16.03
C GLY A 183 33.02 -19.62 15.81
N ASP A 184 31.86 -19.06 16.16
CA ASP A 184 30.59 -19.78 16.02
C ASP A 184 30.16 -19.69 14.56
N ILE A 185 30.77 -20.54 13.75
CA ILE A 185 30.53 -20.49 12.31
C ILE A 185 29.08 -20.80 12.00
N GLU A 186 28.54 -21.83 12.64
CA GLU A 186 27.17 -22.25 12.33
C GLU A 186 26.17 -21.17 12.73
N GLY A 187 26.38 -20.52 13.87
CA GLY A 187 25.49 -19.44 14.25
C GLY A 187 25.53 -18.29 13.26
N VAL A 188 26.69 -18.06 12.64
CA VAL A 188 26.81 -17.07 11.57
C VAL A 188 26.01 -17.51 10.35
N LEU A 189 26.25 -18.74 9.88
CA LEU A 189 25.50 -19.32 8.77
C LEU A 189 23.99 -19.23 8.97
N ASP A 190 23.52 -19.39 10.20
CA ASP A 190 22.10 -19.19 10.48
C ASP A 190 21.63 -17.78 10.15
N LEU A 191 22.55 -16.82 9.96
CA LEU A 191 22.13 -15.47 9.67
C LEU A 191 21.80 -15.24 8.19
N PHE A 192 22.00 -16.23 7.32
CA PHE A 192 21.91 -16.02 5.89
C PHE A 192 21.05 -17.08 5.23
N THR A 193 20.57 -16.76 4.04
CA THR A 193 19.83 -17.72 3.25
C THR A 193 20.79 -18.78 2.74
N ASP A 194 20.24 -19.96 2.44
CA ASP A 194 21.10 -20.97 1.85
C ASP A 194 21.56 -20.56 0.46
N ASP A 195 20.83 -19.62 -0.12
CA ASP A 195 21.00 -18.93 -1.39
C ASP A 195 22.05 -17.84 -1.35
N ILE A 196 22.76 -17.68 -0.23
CA ILE A 196 23.51 -16.47 0.03
C ILE A 196 24.52 -16.24 -1.08
N VAL A 197 24.65 -14.98 -1.49
CA VAL A 197 25.68 -14.50 -2.39
C VAL A 197 26.53 -13.53 -1.59
N PHE A 198 27.86 -13.66 -1.66
CA PHE A 198 28.80 -13.01 -0.74
C PHE A 198 30.02 -12.57 -1.54
N GLU A 199 30.18 -11.26 -1.78
CA GLU A 199 31.43 -10.72 -2.31
C GLU A 199 32.31 -10.15 -1.20
N ASP A 200 33.61 -10.46 -1.24
CA ASP A 200 34.49 -9.90 -0.22
C ASP A 200 35.95 -10.08 -0.65
N PRO A 201 36.56 -9.09 -1.29
CA PRO A 201 36.06 -7.75 -1.55
C PRO A 201 35.17 -7.63 -2.76
N VAL A 202 34.34 -6.59 -2.75
CA VAL A 202 33.64 -6.20 -3.97
C VAL A 202 34.66 -5.90 -5.05
N GLY A 203 34.50 -6.52 -6.21
CA GLY A 203 35.44 -6.38 -7.31
C GLY A 203 36.15 -7.66 -7.69
N ARG A 204 36.00 -8.70 -6.89
CA ARG A 204 36.43 -10.06 -7.13
C ARG A 204 35.18 -10.93 -7.22
N PRO A 205 35.27 -12.11 -7.84
CA PRO A 205 34.06 -12.94 -8.06
C PRO A 205 33.53 -13.49 -6.75
N PRO A 206 32.23 -13.51 -6.56
CA PRO A 206 31.66 -13.86 -5.26
C PRO A 206 31.46 -15.35 -5.12
N MET A 207 31.20 -15.76 -3.87
CA MET A 207 30.82 -17.13 -3.53
C MET A 207 29.30 -17.26 -3.45
N VAL A 208 28.79 -18.45 -3.77
CA VAL A 208 27.37 -18.76 -3.68
C VAL A 208 27.17 -19.90 -2.70
N GLY A 209 26.13 -19.81 -1.87
CA GLY A 209 25.72 -20.89 -0.99
C GLY A 209 26.50 -21.12 0.29
N LYS A 210 25.84 -21.65 1.32
CA LYS A 210 26.47 -21.76 2.64
C LYS A 210 27.64 -22.72 2.68
N ASP A 211 27.83 -23.57 1.68
CA ASP A 211 29.01 -24.43 1.70
C ASP A 211 30.24 -23.60 1.42
N ASP A 212 30.22 -22.84 0.32
CA ASP A 212 31.27 -21.86 0.10
C ASP A 212 31.44 -20.94 1.30
N LEU A 213 30.33 -20.43 1.85
CA LEU A 213 30.43 -19.50 2.96
C LEU A 213 31.09 -20.13 4.17
N ARG A 214 30.76 -21.39 4.47
CA ARG A 214 31.36 -22.06 5.61
C ARG A 214 32.88 -22.10 5.49
N ARG A 215 33.37 -22.41 4.30
CA ARG A 215 34.81 -22.50 4.10
C ARG A 215 35.45 -21.12 4.26
N HIS A 216 34.82 -20.08 3.72
CA HIS A 216 35.32 -18.73 3.95
C HIS A 216 35.45 -18.46 5.43
N LEU A 217 34.40 -18.78 6.20
CA LEU A 217 34.38 -18.48 7.63
C LEU A 217 35.32 -19.38 8.43
N GLU A 218 35.50 -20.65 8.01
CA GLU A 218 36.50 -21.51 8.64
C GLU A 218 37.88 -20.91 8.45
N LEU A 219 38.18 -20.53 7.21
CA LEU A 219 39.39 -19.76 6.92
C LEU A 219 39.50 -18.55 7.82
N ALA A 220 38.40 -17.79 7.94
CA ALA A 220 38.40 -16.56 8.74
C ALA A 220 38.81 -16.83 10.17
N VAL A 221 38.17 -17.82 10.79
CA VAL A 221 38.45 -18.08 12.20
C VAL A 221 39.89 -18.52 12.37
N SER A 222 40.39 -19.33 11.44
CA SER A 222 41.74 -19.86 11.54
C SER A 222 42.79 -18.76 11.37
N CYS A 223 42.53 -17.78 10.51
CA CYS A 223 43.52 -16.73 10.40
C CYS A 223 43.41 -15.75 11.54
N GLY A 224 42.47 -15.97 12.44
CA GLY A 224 42.36 -15.16 13.63
C GLY A 224 41.70 -13.83 13.39
N THR A 225 40.67 -13.76 12.53
CA THR A 225 40.07 -12.47 12.28
C THR A 225 39.19 -12.06 13.46
N HIS A 226 39.14 -10.76 13.70
CA HIS A 226 38.38 -10.22 14.81
C HIS A 226 37.71 -8.96 14.32
N GLU A 227 36.39 -8.90 14.44
CA GLU A 227 35.60 -7.81 13.88
C GLU A 227 35.11 -6.89 14.99
N VAL A 228 35.16 -5.58 14.71
CA VAL A 228 34.59 -4.58 15.60
C VAL A 228 33.71 -3.66 14.75
N PRO A 229 32.38 -3.76 14.83
CA PRO A 229 31.52 -2.90 14.02
C PRO A 229 31.20 -1.55 14.63
N ASP A 230 31.10 -0.54 13.76
CA ASP A 230 30.46 0.70 14.11
C ASP A 230 28.95 0.50 14.14
N PRO A 231 28.20 1.42 14.74
CA PRO A 231 26.74 1.33 14.71
C PRO A 231 26.22 1.32 13.28
N PRO A 232 25.33 0.40 12.94
CA PRO A 232 24.86 0.28 11.55
C PRO A 232 23.82 1.32 11.18
N MET A 233 23.60 1.42 9.88
CA MET A 233 22.51 2.15 9.25
C MET A 233 21.69 1.16 8.44
N THR A 234 20.47 1.57 8.09
CA THR A 234 19.62 0.77 7.23
C THR A 234 19.13 1.63 6.08
N SER A 235 18.55 0.99 5.08
CA SER A 235 17.75 1.70 4.10
C SER A 235 16.43 2.10 4.74
N MET A 236 15.63 2.87 3.98
CA MET A 236 14.36 3.34 4.50
C MET A 236 13.36 2.19 4.62
N ASP A 237 13.36 1.29 3.66
CA ASP A 237 12.47 0.13 3.69
C ASP A 237 13.00 -1.01 4.53
N ASP A 238 14.12 -0.79 5.23
CA ASP A 238 14.76 -1.82 6.05
C ASP A 238 15.02 -3.11 5.28
N ARG A 239 15.30 -3.00 3.98
CA ARG A 239 15.78 -4.16 3.25
C ARG A 239 17.31 -4.31 3.28
N PHE A 240 18.06 -3.27 3.63
CA PHE A 240 19.52 -3.32 3.67
C PHE A 240 20.00 -2.91 5.05
N VAL A 241 21.09 -3.51 5.49
CA VAL A 241 21.76 -3.13 6.73
C VAL A 241 23.21 -2.82 6.40
N VAL A 242 23.63 -1.60 6.69
CA VAL A 242 24.97 -1.14 6.37
C VAL A 242 25.80 -1.12 7.63
N THR A 243 26.95 -1.78 7.61
CA THR A 243 27.79 -1.90 8.80
C THR A 243 29.22 -1.50 8.49
N PRO A 244 29.70 -0.36 8.98
CA PRO A 244 31.16 -0.16 8.96
C PRO A 244 31.81 -1.02 10.05
N THR A 245 32.85 -1.77 9.67
CA THR A 245 33.65 -2.51 10.64
C THR A 245 35.12 -2.17 10.49
N THR A 246 35.85 -2.43 11.57
CA THR A 246 37.28 -2.67 11.54
C THR A 246 37.55 -4.13 11.83
N VAL A 247 38.36 -4.77 10.98
CA VAL A 247 38.69 -6.18 11.11
C VAL A 247 40.21 -6.33 11.13
N THR A 248 40.70 -7.15 12.06
CA THR A 248 42.10 -7.51 12.11
C THR A 248 42.23 -9.01 11.93
N VAL A 249 43.31 -9.43 11.26
CA VAL A 249 43.67 -10.84 11.12
C VAL A 249 45.13 -10.98 11.52
N GLN A 250 45.50 -12.19 11.92
CA GLN A 250 46.86 -12.51 12.37
C GLN A 250 47.71 -13.17 11.29
N ARG A 251 47.12 -14.02 10.45
CA ARG A 251 47.83 -14.74 9.43
C ARG A 251 47.19 -14.47 8.07
N PRO A 252 47.99 -14.36 7.00
CA PRO A 252 49.41 -14.71 6.87
C PRO A 252 50.34 -13.61 7.36
N ARG A 253 49.74 -12.54 7.79
CA ARG A 253 50.40 -11.29 8.11
C ARG A 253 49.41 -10.52 8.97
N PRO A 254 49.80 -10.08 10.14
CA PRO A 254 48.93 -9.17 10.90
C PRO A 254 48.55 -7.94 10.09
N MET A 255 47.25 -7.82 9.79
CA MET A 255 46.71 -6.70 9.03
C MET A 255 45.43 -6.19 9.65
N THR A 256 45.05 -4.95 9.29
CA THR A 256 43.81 -4.31 9.70
C THR A 256 43.11 -3.69 8.50
N PHE A 257 41.82 -3.99 8.36
CA PHE A 257 41.01 -3.54 7.24
C PHE A 257 39.92 -2.60 7.71
N ARG A 258 39.69 -1.54 6.92
CA ARG A 258 38.51 -0.70 7.07
C ARG A 258 37.50 -1.09 5.99
N ILE A 259 36.37 -1.60 6.42
CA ILE A 259 35.40 -2.25 5.58
C ILE A 259 34.04 -1.65 5.89
N VAL A 260 33.20 -1.60 4.87
CA VAL A 260 31.75 -1.42 5.06
C VAL A 260 31.00 -2.52 4.31
N GLY A 261 30.12 -3.21 5.03
CA GLY A 261 29.38 -4.34 4.51
C GLY A 261 27.90 -4.00 4.37
N ILE A 262 27.37 -4.29 3.19
CA ILE A 262 25.97 -4.07 2.84
C ILE A 262 25.31 -5.43 2.72
N VAL A 263 24.20 -5.62 3.43
CA VAL A 263 23.50 -6.90 3.44
C VAL A 263 22.08 -6.67 2.96
N GLU A 264 21.69 -7.35 1.89
CA GLU A 264 20.30 -7.34 1.48
C GLU A 264 19.58 -8.52 2.12
N LEU A 265 18.44 -8.25 2.74
CA LEU A 265 17.68 -9.21 3.54
C LEU A 265 16.45 -9.65 2.74
N ASP A 266 15.95 -10.85 3.08
CA ASP A 266 14.75 -11.36 2.43
C ASP A 266 13.52 -11.16 3.33
N GLU A 267 12.40 -11.77 2.92
CA GLU A 267 11.13 -11.61 3.65
C GLU A 267 11.31 -11.88 5.13
N HIS A 268 12.17 -12.84 5.49
CA HIS A 268 12.32 -13.30 6.85
C HIS A 268 13.55 -12.73 7.53
N GLY A 269 14.13 -11.66 7.00
CA GLY A 269 15.28 -11.03 7.62
C GLY A 269 16.58 -11.82 7.49
N LEU A 270 16.63 -12.79 6.60
CA LEU A 270 17.86 -13.53 6.40
C LEU A 270 18.77 -12.82 5.42
N GLY A 271 20.07 -13.00 5.59
CA GLY A 271 21.01 -12.37 4.69
C GLY A 271 21.06 -13.10 3.35
N ARG A 272 20.53 -12.48 2.30
CA ARG A 272 20.58 -13.05 0.95
C ARG A 272 21.78 -12.61 0.15
N ARG A 273 22.09 -11.31 0.13
CA ARG A 273 23.27 -10.81 -0.57
C ARG A 273 24.11 -9.94 0.34
N VAL A 274 25.41 -10.10 0.24
CA VAL A 274 26.36 -9.39 1.09
C VAL A 274 27.45 -8.84 0.18
N GLN A 275 27.75 -7.56 0.34
CA GLN A 275 28.84 -6.92 -0.38
C GLN A 275 29.79 -6.27 0.63
N ALA A 276 31.01 -6.79 0.70
CA ALA A 276 32.04 -6.29 1.59
C ALA A 276 32.94 -5.36 0.78
N PHE A 277 32.79 -4.05 1.00
CA PHE A 277 33.57 -3.03 0.29
C PHE A 277 34.83 -2.68 1.06
N TRP A 278 35.99 -2.91 0.47
CA TRP A 278 37.23 -2.39 1.00
C TRP A 278 38.23 -2.43 -0.14
N GLY A 279 39.13 -1.45 -0.13
CA GLY A 279 40.12 -1.31 -1.17
C GLY A 279 41.51 -1.67 -0.66
N VAL A 280 42.43 -1.85 -1.61
CA VAL A 280 43.83 -2.11 -1.27
C VAL A 280 44.39 -1.01 -0.36
N THR A 281 43.98 0.24 -0.58
CA THR A 281 44.40 1.33 0.29
C THR A 281 43.63 1.43 1.60
N ASP A 282 42.87 0.41 2.00
CA ASP A 282 42.16 0.41 3.27
C ASP A 282 42.72 -0.64 4.22
N VAL A 283 43.85 -1.24 3.85
CA VAL A 283 44.56 -2.23 4.65
C VAL A 283 45.80 -1.61 5.24
N THR A 284 46.11 -1.99 6.48
CA THR A 284 47.31 -1.55 7.18
C THR A 284 48.11 -2.78 7.62
N MET A 285 49.39 -2.82 7.28
CA MET A 285 50.30 -3.84 7.80
C MET A 285 50.71 -3.49 9.23
N ASP A 286 50.55 -4.44 10.16
CA ASP A 286 50.82 -4.19 11.58
C ASP A 286 51.95 -5.08 12.12
N ASP A 287 52.12 -5.01 13.45
CA ASP A 287 53.08 -5.76 14.27
C ASP A 287 54.53 -5.63 13.82
N ARG A 288 55.16 -4.49 14.09
CA ARG A 288 56.54 -4.27 13.68
C ARG A 288 57.43 -3.94 14.87
N ALA B 15 -27.52 41.79 7.94
CA ALA B 15 -28.34 41.56 6.76
C ALA B 15 -27.72 40.53 5.82
N ALA B 16 -28.37 40.33 4.67
CA ALA B 16 -27.65 39.68 3.59
C ALA B 16 -26.61 40.63 2.96
N MET B 17 -26.45 41.81 3.58
CA MET B 17 -25.31 42.70 3.32
C MET B 17 -24.00 42.13 3.87
N ASN B 18 -24.03 41.44 5.02
CA ASN B 18 -22.87 40.70 5.51
C ASN B 18 -22.29 39.72 4.49
N GLU B 19 -23.11 39.22 3.57
CA GLU B 19 -22.54 38.49 2.43
C GLU B 19 -21.48 39.32 1.73
N PHE B 20 -21.76 40.61 1.52
CA PHE B 20 -20.79 41.49 0.89
C PHE B 20 -19.55 41.64 1.76
N ALA B 21 -19.74 41.74 3.08
CA ALA B 21 -18.60 41.84 3.98
C ALA B 21 -17.63 40.69 3.78
N ARG B 22 -18.16 39.45 3.80
CA ARG B 22 -17.30 38.30 3.64
C ARG B 22 -16.62 38.33 2.28
N LYS B 23 -17.37 38.66 1.23
CA LYS B 23 -16.78 38.74 -0.09
C LYS B 23 -15.73 39.82 -0.17
N LYS B 24 -15.92 40.93 0.56
CA LYS B 24 -14.92 41.99 0.57
C LYS B 24 -13.66 41.51 1.26
N ARG B 25 -13.81 40.95 2.45
CA ARG B 25 -12.64 40.44 3.14
C ARG B 25 -11.90 39.42 2.27
N ALA B 26 -12.64 38.57 1.55
CA ALA B 26 -12.01 37.61 0.65
C ALA B 26 -11.11 38.32 -0.34
N LEU B 27 -11.61 39.39 -0.95
CA LEU B 27 -10.78 40.10 -1.91
C LEU B 27 -9.62 40.79 -1.22
N GLU B 28 -9.86 41.30 -0.01
CA GLU B 28 -8.79 41.97 0.71
C GLU B 28 -7.63 41.01 0.94
N HIS B 29 -7.94 39.75 1.24
CA HIS B 29 -6.89 38.76 1.39
C HIS B 29 -5.99 38.76 0.17
N SER B 30 -6.59 38.69 -1.02
CA SER B 30 -5.78 38.67 -2.24
C SER B 30 -4.97 39.97 -2.41
N ARG B 31 -5.57 41.10 -2.05
CA ARG B 31 -4.91 42.39 -2.12
C ARG B 31 -3.67 42.43 -1.24
N ARG B 32 -3.80 41.95 -0.01
CA ARG B 32 -2.67 41.99 0.92
C ARG B 32 -1.53 41.06 0.49
N ILE B 33 -1.87 39.96 -0.21
CA ILE B 33 -0.83 39.07 -0.72
C ILE B 33 -0.01 39.79 -1.77
N ASN B 34 -0.71 40.37 -2.76
CA ASN B 34 -0.04 41.11 -3.80
C ASN B 34 0.75 42.27 -3.22
N ALA B 35 0.24 42.85 -2.14
CA ALA B 35 0.93 43.94 -1.47
C ALA B 35 2.24 43.47 -0.84
N GLY B 36 2.35 42.19 -0.49
CA GLY B 36 3.58 41.66 0.04
C GLY B 36 3.82 41.88 1.52
N ASP B 37 2.94 42.59 2.24
CA ASP B 37 3.15 42.84 3.66
C ASP B 37 2.68 41.64 4.47
N LEU B 38 3.62 41.00 5.14
CA LEU B 38 3.28 39.75 5.82
C LEU B 38 2.46 40.02 7.07
N ASP B 39 2.78 41.07 7.81
CA ASP B 39 1.97 41.42 8.98
C ASP B 39 0.53 41.69 8.57
N ALA B 40 0.34 42.42 7.46
CA ALA B 40 -0.99 42.68 6.93
C ALA B 40 -1.74 41.39 6.60
N ILE B 41 -1.04 40.36 6.11
CA ILE B 41 -1.69 39.11 5.78
C ILE B 41 -2.10 38.35 7.04
N ILE B 42 -1.16 38.15 7.96
CA ILE B 42 -1.46 37.39 9.17
C ILE B 42 -2.59 38.04 9.95
N ASP B 43 -2.70 39.37 9.84
CA ASP B 43 -3.72 40.11 10.58
C ASP B 43 -5.12 39.67 10.21
N LEU B 44 -5.30 39.15 8.99
CA LEU B 44 -6.62 38.70 8.63
C LEU B 44 -7.03 37.40 9.31
N TYR B 45 -6.16 36.75 10.08
CA TYR B 45 -6.41 35.41 10.62
C TYR B 45 -6.65 35.44 12.12
N ALA B 46 -7.60 34.63 12.57
CA ALA B 46 -7.78 34.37 13.99
C ALA B 46 -6.48 33.81 14.57
N PRO B 47 -6.28 33.92 15.88
CA PRO B 47 -5.01 33.45 16.45
C PRO B 47 -4.83 31.98 16.28
N ASP B 48 -5.93 31.23 16.21
CA ASP B 48 -5.94 29.78 16.13
C ASP B 48 -6.39 29.26 14.77
N ALA B 49 -6.27 30.05 13.71
CA ALA B 49 -6.83 29.62 12.43
C ALA B 49 -6.15 28.36 11.90
N VAL B 50 -6.81 27.73 10.94
CA VAL B 50 -6.34 26.50 10.34
C VAL B 50 -6.27 26.70 8.84
N LEU B 51 -5.18 26.26 8.24
CA LEU B 51 -4.95 26.44 6.80
C LEU B 51 -4.60 25.10 6.16
N GLU B 52 -5.25 24.79 5.04
CA GLU B 52 -4.92 23.64 4.21
C GLU B 52 -4.63 24.16 2.81
N ASP B 53 -3.36 24.09 2.39
CA ASP B 53 -2.95 24.56 1.06
C ASP B 53 -1.78 23.70 0.58
N PRO B 54 -2.01 22.79 -0.35
CA PRO B 54 -3.28 22.49 -1.00
C PRO B 54 -4.03 21.50 -0.17
N VAL B 55 -5.36 21.50 -0.33
CA VAL B 55 -6.20 20.53 0.36
C VAL B 55 -5.73 19.12 0.05
N GLY B 56 -5.49 18.34 1.10
CA GLY B 56 -4.87 17.03 0.99
C GLY B 56 -3.54 16.93 1.73
N LEU B 57 -2.85 18.07 1.89
CA LEU B 57 -1.70 18.07 2.76
C LEU B 57 -2.19 18.25 4.18
N PRO B 58 -1.44 17.76 5.17
CA PRO B 58 -1.85 17.95 6.57
C PRO B 58 -2.09 19.41 6.88
N PRO B 59 -3.16 19.71 7.60
CA PRO B 59 -3.49 21.10 7.85
C PRO B 59 -2.51 21.71 8.82
N VAL B 60 -2.52 23.05 8.86
CA VAL B 60 -1.55 23.85 9.56
C VAL B 60 -2.27 24.89 10.41
N THR B 61 -1.77 25.11 11.63
CA THR B 61 -2.49 25.87 12.65
C THR B 61 -1.58 26.87 13.33
N GLY B 62 -2.09 28.07 13.57
CA GLY B 62 -1.45 29.14 14.35
C GLY B 62 -0.69 30.15 13.50
N HIS B 63 -0.61 31.39 14.01
CA HIS B 63 0.08 32.46 13.30
C HIS B 63 1.50 32.10 12.89
N ASP B 64 2.23 31.41 13.77
CA ASP B 64 3.63 31.11 13.48
C ASP B 64 3.71 30.30 12.20
N ALA B 65 2.86 29.27 12.14
CA ALA B 65 2.81 28.37 11.01
C ALA B 65 2.35 29.08 9.74
N LEU B 66 1.44 30.04 9.87
CA LEU B 66 1.04 30.85 8.73
C LEU B 66 2.22 31.65 8.19
N ARG B 67 2.93 32.34 9.09
CA ARG B 67 4.13 33.08 8.71
C ARG B 67 5.12 32.16 8.01
N ALA B 68 5.28 30.94 8.51
CA ALA B 68 6.16 29.97 7.86
C ALA B 68 5.65 29.58 6.48
N HIS B 69 4.33 29.49 6.30
CA HIS B 69 3.79 29.09 5.01
C HIS B 69 3.85 30.23 4.01
N TYR B 70 3.59 31.44 4.47
CA TYR B 70 3.44 32.56 3.57
C TYR B 70 4.76 33.26 3.25
N GLU B 71 5.75 33.20 4.14
CA GLU B 71 6.97 33.95 3.85
C GLU B 71 7.63 33.46 2.58
N PRO B 72 7.85 32.16 2.36
CA PRO B 72 8.49 31.74 1.11
C PRO B 72 7.71 32.15 -0.12
N LEU B 73 6.38 32.08 -0.07
CA LEU B 73 5.55 32.56 -1.19
C LEU B 73 5.79 34.03 -1.46
N LEU B 74 5.76 34.86 -0.41
CA LEU B 74 6.02 36.28 -0.60
C LEU B 74 7.41 36.49 -1.16
N ALA B 75 8.37 35.69 -0.71
CA ALA B 75 9.71 35.75 -1.27
C ALA B 75 9.70 35.43 -2.77
N ALA B 76 8.84 34.50 -3.22
CA ALA B 76 8.77 34.19 -4.65
C ALA B 76 7.93 35.19 -5.44
N HIS B 77 7.58 36.32 -4.84
CA HIS B 77 6.91 37.43 -5.51
C HIS B 77 5.57 36.99 -6.06
N LEU B 78 4.90 36.14 -5.29
CA LEU B 78 3.60 35.62 -5.66
C LEU B 78 2.68 36.77 -6.02
N ARG B 79 2.06 36.68 -7.19
CA ARG B 79 1.10 37.67 -7.65
C ARG B 79 -0.20 36.94 -7.96
N GLU B 80 -1.29 37.36 -7.31
CA GLU B 80 -2.60 36.73 -7.44
C GLU B 80 -3.55 37.56 -8.29
N GLU B 81 -4.28 36.88 -9.17
CA GLU B 81 -5.41 37.46 -9.89
C GLU B 81 -6.69 36.77 -9.41
N ALA B 82 -7.58 37.53 -8.78
CA ALA B 82 -8.76 36.98 -8.16
C ALA B 82 -9.97 37.16 -9.06
N ALA B 83 -10.79 36.11 -9.15
CA ALA B 83 -12.08 36.22 -9.78
C ALA B 83 -13.06 36.82 -8.78
N GLU B 84 -14.31 37.02 -9.19
CA GLU B 84 -15.33 37.53 -8.28
C GLU B 84 -15.72 36.49 -7.25
N PRO B 85 -15.67 36.81 -5.97
CA PRO B 85 -16.07 35.84 -4.95
C PRO B 85 -17.56 35.56 -5.03
N VAL B 86 -17.97 34.46 -4.38
CA VAL B 86 -19.36 34.18 -4.07
C VAL B 86 -19.48 33.90 -2.58
N ALA B 87 -20.68 34.06 -2.04
CA ALA B 87 -20.89 33.85 -0.62
C ALA B 87 -21.68 32.57 -0.37
N GLY B 88 -21.42 31.95 0.76
CA GLY B 88 -22.26 30.89 1.23
C GLY B 88 -23.38 31.51 2.06
N GLN B 89 -24.52 30.83 2.09
CA GLN B 89 -25.66 31.35 2.85
C GLN B 89 -25.65 30.84 4.28
N ASP B 90 -24.51 31.02 4.96
CA ASP B 90 -24.32 30.45 6.30
C ASP B 90 -23.64 31.44 7.23
N ALA B 91 -23.56 32.72 6.85
CA ALA B 91 -22.96 33.77 7.66
C ALA B 91 -21.48 33.54 7.97
N THR B 92 -20.79 32.65 7.24
CA THR B 92 -19.35 32.47 7.48
C THR B 92 -18.48 32.39 6.24
N HIS B 93 -18.97 31.85 5.13
CA HIS B 93 -18.10 31.44 4.04
C HIS B 93 -18.11 32.45 2.91
N ALA B 94 -16.94 32.68 2.34
CA ALA B 94 -16.84 33.29 1.02
C ALA B 94 -15.85 32.45 0.23
N LEU B 95 -16.10 32.31 -1.06
CA LEU B 95 -15.29 31.48 -1.93
C LEU B 95 -14.72 32.35 -3.02
N ILE B 96 -13.50 32.08 -3.44
CA ILE B 96 -12.89 32.94 -4.45
C ILE B 96 -11.86 32.13 -5.23
N GLN B 97 -11.94 32.24 -6.55
CA GLN B 97 -10.98 31.57 -7.41
C GLN B 97 -9.79 32.47 -7.68
N ILE B 98 -8.59 31.89 -7.67
CA ILE B 98 -7.37 32.66 -7.77
C ILE B 98 -6.52 32.09 -8.88
N SER B 99 -5.92 32.97 -9.67
CA SER B 99 -4.85 32.59 -10.58
C SER B 99 -3.55 33.21 -10.08
N SER B 100 -2.55 32.35 -9.82
CA SER B 100 -1.27 32.74 -9.21
C SER B 100 -0.11 32.66 -10.17
N VAL B 101 0.90 33.48 -9.91
CA VAL B 101 2.22 33.22 -10.45
C VAL B 101 3.27 33.60 -9.41
N MET B 102 4.32 32.79 -9.33
CA MET B 102 5.44 33.03 -8.41
C MET B 102 6.74 32.58 -9.07
N ASP B 103 7.85 33.09 -8.55
CA ASP B 103 9.14 32.57 -8.97
C ASP B 103 9.21 31.11 -8.57
N TYR B 104 9.85 30.29 -9.40
CA TYR B 104 9.99 28.86 -9.05
C TYR B 104 10.76 28.68 -7.75
N LEU B 105 11.71 29.52 -7.47
CA LEU B 105 12.37 29.39 -6.17
C LEU B 105 11.74 30.30 -5.13
N PRO B 106 11.70 29.89 -3.85
CA PRO B 106 12.25 28.66 -3.24
C PRO B 106 11.28 27.47 -3.10
N VAL B 107 10.02 27.57 -3.49
CA VAL B 107 9.07 26.51 -3.19
C VAL B 107 9.01 25.43 -4.26
N GLY B 108 9.30 25.79 -5.52
CA GLY B 108 9.22 24.87 -6.63
C GLY B 108 9.87 23.54 -6.37
N PRO B 109 11.14 23.56 -5.91
CA PRO B 109 11.84 22.31 -5.60
C PRO B 109 11.06 21.39 -4.69
N LEU B 110 10.35 21.93 -3.70
CA LEU B 110 9.55 21.07 -2.82
C LEU B 110 8.39 20.44 -3.58
N TYR B 111 7.79 21.18 -4.52
CA TYR B 111 6.73 20.61 -5.36
C TYR B 111 7.27 19.45 -6.19
N ALA B 112 8.43 19.67 -6.81
CA ALA B 112 9.05 18.62 -7.60
C ALA B 112 9.38 17.44 -6.71
N GLU B 113 9.96 17.71 -5.56
CA GLU B 113 10.30 16.64 -4.65
C GLU B 113 9.08 15.83 -4.22
N ARG B 114 7.88 16.40 -4.31
CA ARG B 114 6.67 15.64 -4.10
C ARG B 114 6.14 15.02 -5.37
N GLY B 115 6.77 15.30 -6.51
CA GLY B 115 6.30 14.77 -7.76
C GLY B 115 5.10 15.50 -8.33
N TRP B 116 4.89 16.74 -7.91
CA TRP B 116 3.76 17.50 -8.42
C TRP B 116 4.09 18.23 -9.72
N LEU B 117 5.38 18.39 -10.00
CA LEU B 117 5.88 19.31 -11.01
C LEU B 117 7.20 18.79 -11.55
N LYS B 118 7.37 18.84 -12.89
CA LYS B 118 8.61 18.40 -13.51
C LYS B 118 9.67 19.47 -13.31
N ALA B 119 10.82 19.07 -12.76
CA ALA B 119 11.85 20.02 -12.39
C ALA B 119 12.35 20.80 -13.61
N PRO B 120 12.44 22.12 -13.54
CA PRO B 120 12.83 22.92 -14.72
C PRO B 120 14.32 22.93 -14.96
N ASP B 121 14.68 23.24 -16.22
CA ASP B 121 16.09 23.29 -16.61
C ASP B 121 16.82 24.47 -15.97
N ALA B 122 16.11 25.58 -15.75
CA ALA B 122 16.71 26.83 -15.28
C ALA B 122 15.96 27.33 -14.06
N PRO B 123 16.12 26.68 -12.91
CA PRO B 123 15.27 27.03 -11.77
C PRO B 123 15.33 28.51 -11.40
N GLY B 124 16.40 29.21 -11.76
CA GLY B 124 16.53 30.63 -11.46
C GLY B 124 15.67 31.53 -12.31
N THR B 125 15.10 31.02 -13.39
CA THR B 125 14.19 31.80 -14.22
C THR B 125 12.81 31.17 -14.37
N ALA B 126 12.60 29.96 -13.88
CA ALA B 126 11.30 29.34 -14.06
C ALA B 126 10.27 30.05 -13.21
N ARG B 127 9.01 29.93 -13.62
CA ARG B 127 7.90 30.42 -12.82
C ARG B 127 6.87 29.32 -12.66
N ILE B 128 5.98 29.50 -11.70
CA ILE B 128 5.00 28.49 -11.37
C ILE B 128 3.62 29.12 -11.42
N HIS B 129 2.78 28.62 -12.32
CA HIS B 129 1.42 29.10 -12.44
C HIS B 129 0.46 28.10 -11.80
N ARG B 130 -0.54 28.64 -11.12
CA ARG B 130 -1.50 27.85 -10.34
C ARG B 130 -2.87 28.47 -10.51
N THR B 131 -3.90 27.63 -10.50
CA THR B 131 -5.27 28.09 -10.29
C THR B 131 -5.91 27.22 -9.22
N ALA B 132 -6.46 27.87 -8.20
CA ALA B 132 -7.01 27.21 -7.04
C ALA B 132 -8.33 27.88 -6.65
N MET B 133 -9.12 27.17 -5.85
CA MET B 133 -10.33 27.72 -5.26
C MET B 133 -10.10 27.92 -3.78
N LEU B 134 -10.27 29.14 -3.31
CA LEU B 134 -10.15 29.44 -1.88
C LEU B 134 -11.51 29.37 -1.25
N VAL B 135 -11.61 28.57 -0.21
CA VAL B 135 -12.81 28.49 0.60
C VAL B 135 -12.44 29.01 1.98
N ILE B 136 -12.99 30.17 2.34
CA ILE B 136 -12.61 30.88 3.55
C ILE B 136 -13.81 30.92 4.48
N ARG B 137 -13.64 30.35 5.67
CA ARG B 137 -14.62 30.39 6.74
C ARG B 137 -14.21 31.49 7.68
N MET B 138 -15.07 32.51 7.82
CA MET B 138 -14.82 33.64 8.72
C MET B 138 -15.80 33.63 9.86
N ASP B 139 -15.41 34.24 10.99
CA ASP B 139 -16.28 34.42 12.14
C ASP B 139 -16.87 35.85 12.11
N ALA B 140 -17.74 36.15 13.08
CA ALA B 140 -18.58 37.35 12.98
C ALA B 140 -17.74 38.62 12.84
N SER B 141 -16.54 38.62 13.39
CA SER B 141 -15.67 39.78 13.24
C SER B 141 -14.96 39.80 11.89
N GLY B 142 -15.16 38.78 11.06
CA GLY B 142 -14.49 38.75 9.79
C GLY B 142 -13.11 38.15 9.79
N LEU B 143 -12.61 37.69 10.93
CA LEU B 143 -11.35 36.98 10.95
C LEU B 143 -11.49 35.58 10.37
N ILE B 144 -10.42 35.16 9.71
CA ILE B 144 -10.37 33.85 9.07
C ILE B 144 -10.09 32.80 10.12
N ARG B 145 -10.97 31.81 10.21
CA ARG B 145 -10.78 30.67 11.08
C ARG B 145 -10.24 29.47 10.36
N HIS B 146 -10.58 29.29 9.10
CA HIS B 146 -10.18 28.11 8.36
C HIS B 146 -10.18 28.50 6.89
N LEU B 147 -9.06 28.26 6.22
CA LEU B 147 -8.94 28.58 4.80
C LEU B 147 -8.50 27.33 4.06
N LYS B 148 -9.29 26.90 3.10
CA LYS B 148 -8.94 25.75 2.27
C LYS B 148 -8.63 26.21 0.85
N SER B 149 -7.49 25.77 0.35
CA SER B 149 -7.04 26.06 -0.99
C SER B 149 -7.08 24.76 -1.78
N TYR B 150 -8.01 24.68 -2.74
CA TYR B 150 -8.18 23.48 -3.57
C TYR B 150 -7.40 23.63 -4.87
N TRP B 151 -6.33 22.86 -5.02
CA TRP B 151 -5.65 22.68 -6.29
C TRP B 151 -4.86 21.38 -6.24
N GLY B 152 -4.68 20.79 -7.42
CA GLY B 152 -3.96 19.55 -7.56
C GLY B 152 -2.97 19.70 -8.70
N THR B 153 -2.34 18.60 -9.11
CA THR B 153 -1.27 18.65 -10.09
C THR B 153 -1.75 19.14 -11.45
N SER B 154 -3.00 18.89 -11.80
CA SER B 154 -3.55 19.36 -13.06
C SER B 154 -3.86 20.84 -13.04
N ASP B 155 -3.58 21.52 -11.93
CA ASP B 155 -3.78 22.96 -11.78
C ASP B 155 -2.47 23.72 -11.62
N LEU B 156 -1.36 23.13 -12.08
CA LEU B 156 -0.01 23.56 -11.78
C LEU B 156 0.81 23.66 -13.06
N SER B 157 1.50 24.79 -13.23
CA SER B 157 2.23 25.18 -14.44
C SER B 157 1.61 24.73 -15.73
N PRO B 162 -5.94 18.15 -16.82
CA PRO B 162 -6.48 17.30 -17.89
C PRO B 162 -5.42 16.43 -18.56
N ALA B 163 -4.61 15.71 -17.76
CA ALA B 163 -3.60 14.82 -18.31
C ALA B 163 -3.46 13.52 -17.53
N ALA B 164 -4.12 13.38 -16.39
CA ALA B 164 -4.04 12.17 -15.58
C ALA B 164 -5.28 11.33 -15.82
N ASP B 165 -5.16 10.03 -15.58
CA ASP B 165 -6.37 9.22 -15.41
C ASP B 165 -7.25 9.76 -14.28
N GLU B 166 -6.68 10.56 -13.38
CA GLU B 166 -7.40 11.20 -12.29
C GLU B 166 -7.91 12.60 -12.65
N ALA B 167 -7.51 13.14 -13.81
CA ALA B 167 -8.13 14.33 -14.38
C ALA B 167 -9.45 14.00 -15.06
N ALA B 168 -9.68 12.75 -15.47
CA ALA B 168 -11.02 12.37 -15.92
C ALA B 168 -12.01 12.38 -14.76
N ARG B 169 -11.52 12.56 -13.52
CA ARG B 169 -12.44 12.85 -12.42
C ARG B 169 -12.92 14.28 -12.51
N LYS B 170 -12.17 15.14 -13.21
CA LYS B 170 -12.66 16.45 -13.57
C LYS B 170 -13.80 16.33 -14.57
N GLN B 171 -13.82 15.22 -15.32
CA GLN B 171 -14.86 14.99 -16.31
C GLN B 171 -16.24 14.97 -15.67
N MET B 172 -16.33 14.51 -14.43
CA MET B 172 -17.59 14.42 -13.71
C MET B 172 -18.32 15.76 -13.62
N ALA B 173 -17.60 16.88 -13.77
CA ALA B 173 -18.25 18.20 -13.80
C ALA B 173 -18.94 18.45 -15.14
N VAL B 174 -18.28 18.09 -16.24
CA VAL B 174 -18.88 18.16 -17.59
C VAL B 174 -20.07 17.23 -17.71
N ASP B 175 -19.97 16.02 -17.16
CA ASP B 175 -21.04 15.04 -17.26
C ASP B 175 -22.29 15.52 -16.53
N TYR B 176 -22.12 16.07 -15.33
CA TYR B 176 -23.27 16.59 -14.59
C TYR B 176 -24.03 17.65 -15.36
N ALA B 177 -23.33 18.72 -15.77
CA ALA B 177 -23.99 19.82 -16.47
C ALA B 177 -24.61 19.35 -17.78
N GLU B 178 -23.87 18.56 -18.53
CA GLU B 178 -24.35 18.11 -19.81
C GLU B 178 -25.60 17.26 -19.65
N ARG B 179 -25.59 16.36 -18.65
CA ARG B 179 -26.74 15.50 -18.44
C ARG B 179 -27.95 16.29 -17.93
N ILE B 180 -27.72 17.21 -16.98
CA ILE B 180 -28.85 17.89 -16.39
C ILE B 180 -29.50 18.86 -17.37
N ASN B 181 -28.71 19.47 -18.24
CA ASN B 181 -29.27 20.34 -19.27
C ASN B 181 -30.21 19.57 -20.20
N ALA B 182 -29.89 18.31 -20.44
CA ALA B 182 -30.72 17.47 -21.28
C ALA B 182 -31.97 16.95 -20.56
N GLY B 183 -32.16 17.22 -19.28
CA GLY B 183 -33.28 16.62 -18.57
C GLY B 183 -33.10 15.15 -18.21
N ASP B 184 -31.90 14.61 -18.38
CA ASP B 184 -31.58 13.18 -18.11
C ASP B 184 -31.38 12.97 -16.61
N ILE B 185 -32.48 12.91 -15.86
CA ILE B 185 -32.37 12.88 -14.40
C ILE B 185 -31.67 11.61 -13.94
N GLU B 186 -32.02 10.48 -14.54
CA GLU B 186 -31.44 9.23 -14.09
C GLU B 186 -29.94 9.20 -14.33
N GLY B 187 -29.51 9.74 -15.47
CA GLY B 187 -28.08 9.84 -15.74
C GLY B 187 -27.35 10.74 -14.76
N VAL B 188 -28.04 11.78 -14.28
CA VAL B 188 -27.47 12.59 -13.21
C VAL B 188 -27.37 11.78 -11.93
N LEU B 189 -28.49 11.16 -11.53
CA LEU B 189 -28.50 10.29 -10.35
C LEU B 189 -27.44 9.21 -10.40
N ASP B 190 -27.15 8.68 -11.58
CA ASP B 190 -26.06 7.70 -11.67
C ASP B 190 -24.69 8.28 -11.29
N LEU B 191 -24.52 9.58 -11.27
CA LEU B 191 -23.18 10.07 -10.98
C LEU B 191 -22.84 10.00 -9.51
N PHE B 192 -23.77 9.58 -8.66
CA PHE B 192 -23.64 9.71 -7.23
C PHE B 192 -23.91 8.40 -6.52
N THR B 193 -23.41 8.32 -5.29
CA THR B 193 -23.68 7.19 -4.42
C THR B 193 -25.11 7.27 -3.92
N ASP B 194 -25.69 6.10 -3.60
CA ASP B 194 -27.05 6.06 -3.05
C ASP B 194 -27.11 6.76 -1.71
N ASP B 195 -25.96 6.89 -1.09
CA ASP B 195 -25.62 7.50 0.18
C ASP B 195 -25.58 9.02 0.11
N ILE B 196 -25.91 9.64 -1.05
CA ILE B 196 -25.51 11.02 -1.37
C ILE B 196 -26.06 12.07 -0.41
N VAL B 197 -25.20 12.98 0.03
CA VAL B 197 -25.59 14.14 0.84
C VAL B 197 -25.35 15.40 0.03
N PHE B 198 -26.32 16.30 0.00
CA PHE B 198 -26.18 17.47 -0.85
C PHE B 198 -26.77 18.70 -0.19
N GLU B 199 -26.10 19.84 -0.39
CA GLU B 199 -26.55 21.14 0.12
C GLU B 199 -26.60 22.09 -1.04
N ASP B 200 -27.73 22.78 -1.20
CA ASP B 200 -27.91 23.69 -2.30
C ASP B 200 -29.10 24.61 -2.05
N PRO B 201 -28.86 25.79 -1.49
CA PRO B 201 -27.52 26.36 -1.18
C PRO B 201 -26.92 25.87 0.13
N VAL B 202 -25.60 25.89 0.24
CA VAL B 202 -24.97 25.69 1.52
C VAL B 202 -25.50 26.74 2.48
N GLY B 203 -25.98 26.28 3.64
CA GLY B 203 -26.64 27.13 4.62
C GLY B 203 -28.08 26.77 4.88
N ARG B 204 -28.69 25.95 4.05
CA ARG B 204 -30.02 25.47 4.31
C ARG B 204 -29.95 23.98 4.56
N PRO B 205 -30.95 23.41 5.22
CA PRO B 205 -30.83 22.02 5.63
C PRO B 205 -30.51 21.14 4.44
N PRO B 206 -29.65 20.16 4.63
CA PRO B 206 -29.23 19.30 3.51
C PRO B 206 -30.25 18.20 3.26
N MET B 207 -30.01 17.47 2.18
CA MET B 207 -30.89 16.37 1.82
C MET B 207 -30.05 15.11 1.65
N VAL B 208 -30.66 13.93 1.83
CA VAL B 208 -29.93 12.68 1.69
C VAL B 208 -30.64 11.69 0.77
N GLY B 209 -29.83 10.99 -0.02
CA GLY B 209 -30.28 9.86 -0.82
C GLY B 209 -30.93 10.25 -2.13
N LYS B 210 -30.89 9.34 -3.10
CA LYS B 210 -31.31 9.62 -4.46
C LYS B 210 -32.80 9.90 -4.61
N ASP B 211 -33.61 9.65 -3.59
CA ASP B 211 -35.01 10.02 -3.72
C ASP B 211 -35.20 11.53 -3.55
N ASP B 212 -34.68 12.08 -2.45
CA ASP B 212 -34.65 13.54 -2.27
C ASP B 212 -34.02 14.22 -3.48
N LEU B 213 -32.90 13.68 -3.92
CA LEU B 213 -32.18 14.29 -5.02
C LEU B 213 -33.04 14.30 -6.28
N ARG B 214 -33.72 13.18 -6.57
CA ARG B 214 -34.63 13.13 -7.70
C ARG B 214 -35.66 14.25 -7.62
N ARG B 215 -36.25 14.45 -6.44
CA ARG B 215 -37.24 15.51 -6.33
C ARG B 215 -36.59 16.87 -6.55
N HIS B 216 -35.39 17.05 -6.02
CA HIS B 216 -34.64 18.27 -6.28
C HIS B 216 -34.44 18.47 -7.78
N LEU B 217 -33.98 17.42 -8.46
CA LEU B 217 -33.68 17.53 -9.89
C LEU B 217 -34.92 17.66 -10.76
N GLU B 218 -36.03 17.00 -10.37
CA GLU B 218 -37.27 17.17 -11.11
C GLU B 218 -37.72 18.62 -11.04
N LEU B 219 -37.66 19.19 -9.83
CA LEU B 219 -37.90 20.62 -9.67
C LEU B 219 -37.00 21.42 -10.61
N ALA B 220 -35.70 21.10 -10.63
CA ALA B 220 -34.75 21.83 -11.47
C ALA B 220 -35.13 21.80 -12.94
N VAL B 221 -35.42 20.62 -13.48
CA VAL B 221 -35.72 20.55 -14.91
C VAL B 221 -36.97 21.35 -15.23
N SER B 222 -37.97 21.29 -14.34
CA SER B 222 -39.24 21.87 -14.72
C SER B 222 -39.15 23.39 -14.83
N CYS B 223 -38.41 24.05 -13.97
CA CYS B 223 -38.29 25.51 -14.13
C CYS B 223 -37.21 25.89 -15.12
N GLY B 224 -36.63 24.92 -15.83
CA GLY B 224 -35.77 25.22 -16.95
C GLY B 224 -34.34 25.61 -16.67
N THR B 225 -33.69 24.97 -15.70
CA THR B 225 -32.33 25.38 -15.39
C THR B 225 -31.36 24.90 -16.47
N HIS B 226 -30.30 25.67 -16.65
CA HIS B 226 -29.28 25.43 -17.66
C HIS B 226 -27.94 25.71 -17.00
N GLU B 227 -27.02 24.74 -17.05
CA GLU B 227 -25.75 24.83 -16.33
C GLU B 227 -24.58 24.97 -17.29
N VAL B 228 -23.66 25.86 -16.94
CA VAL B 228 -22.43 26.11 -17.69
C VAL B 228 -21.26 26.12 -16.73
N PRO B 229 -20.41 25.09 -16.74
CA PRO B 229 -19.24 25.08 -15.84
C PRO B 229 -18.03 25.75 -16.46
N ASP B 230 -17.27 26.45 -15.62
CA ASP B 230 -15.88 26.77 -15.94
C ASP B 230 -15.03 25.54 -15.71
N PRO B 231 -13.80 25.51 -16.21
CA PRO B 231 -12.92 24.37 -15.96
C PRO B 231 -12.72 24.12 -14.48
N PRO B 232 -12.93 22.90 -14.03
CA PRO B 232 -12.83 22.60 -12.60
C PRO B 232 -11.39 22.46 -12.12
N MET B 233 -11.25 22.50 -10.79
CA MET B 233 -10.03 22.14 -10.10
C MET B 233 -10.31 20.97 -9.16
N THR B 234 -9.24 20.33 -8.73
CA THR B 234 -9.32 19.23 -7.79
C THR B 234 -8.47 19.55 -6.58
N SER B 235 -8.72 18.81 -5.51
CA SER B 235 -7.76 18.77 -4.43
C SER B 235 -6.54 17.97 -4.89
N MET B 236 -5.50 18.01 -4.06
CA MET B 236 -4.27 17.35 -4.44
C MET B 236 -4.40 15.82 -4.43
N ASP B 237 -5.16 15.27 -3.47
CA ASP B 237 -5.40 13.84 -3.38
C ASP B 237 -6.55 13.36 -4.26
N ASP B 238 -7.12 14.24 -5.09
CA ASP B 238 -8.24 13.91 -5.99
C ASP B 238 -9.42 13.30 -5.27
N ARG B 239 -9.62 13.66 -4.01
CA ARG B 239 -10.87 13.35 -3.33
C ARG B 239 -11.98 14.30 -3.69
N PHE B 240 -11.64 15.52 -4.14
CA PHE B 240 -12.58 16.63 -4.31
C PHE B 240 -12.46 17.22 -5.70
N VAL B 241 -13.60 17.63 -6.27
CA VAL B 241 -13.68 18.33 -7.54
C VAL B 241 -14.43 19.64 -7.31
N VAL B 242 -13.77 20.75 -7.60
CA VAL B 242 -14.34 22.07 -7.40
C VAL B 242 -14.70 22.62 -8.76
N THR B 243 -15.95 23.01 -8.94
CA THR B 243 -16.45 23.46 -10.23
C THR B 243 -17.19 24.78 -10.11
N PRO B 244 -16.66 25.88 -10.65
CA PRO B 244 -17.50 27.06 -10.82
C PRO B 244 -18.45 26.86 -11.99
N THR B 245 -19.72 27.15 -11.76
CA THR B 245 -20.73 27.20 -12.80
C THR B 245 -21.43 28.54 -12.76
N THR B 246 -21.96 28.92 -13.90
CA THR B 246 -23.04 29.86 -14.01
C THR B 246 -24.28 29.07 -14.37
N VAL B 247 -25.38 29.34 -13.67
CA VAL B 247 -26.63 28.63 -13.87
C VAL B 247 -27.74 29.65 -14.09
N THR B 248 -28.61 29.36 -15.06
CA THR B 248 -29.81 30.13 -15.34
C THR B 248 -31.04 29.28 -15.10
N VAL B 249 -32.13 29.92 -14.66
CA VAL B 249 -33.45 29.31 -14.57
C VAL B 249 -34.45 30.22 -15.29
N GLN B 250 -35.56 29.63 -15.74
CA GLN B 250 -36.62 30.39 -16.39
C GLN B 250 -37.73 30.78 -15.42
N ARG B 251 -38.22 29.82 -14.63
CA ARG B 251 -39.28 30.09 -13.69
C ARG B 251 -38.80 29.98 -12.26
N PRO B 252 -39.46 30.68 -11.32
CA PRO B 252 -40.63 31.57 -11.51
C PRO B 252 -40.26 32.94 -12.06
N ARG B 253 -39.05 33.13 -12.60
CA ARG B 253 -38.46 34.41 -12.99
C ARG B 253 -37.15 34.12 -13.67
N PRO B 254 -36.88 34.68 -14.84
CA PRO B 254 -35.53 34.54 -15.40
C PRO B 254 -34.50 35.06 -14.42
N MET B 255 -33.64 34.15 -13.94
CA MET B 255 -32.55 34.50 -13.04
C MET B 255 -31.27 33.81 -13.48
N THR B 256 -30.15 34.34 -13.01
CA THR B 256 -28.82 33.80 -13.28
C THR B 256 -28.08 33.70 -11.95
N PHE B 257 -27.47 32.55 -11.68
CA PHE B 257 -26.75 32.27 -10.45
C PHE B 257 -25.25 32.07 -10.72
N ARG B 258 -24.41 32.66 -9.86
CA ARG B 258 -22.97 32.37 -9.83
C ARG B 258 -22.71 31.42 -8.67
N ILE B 259 -22.28 30.20 -8.98
CA ILE B 259 -22.20 29.12 -8.02
C ILE B 259 -20.82 28.51 -8.11
N VAL B 260 -20.32 28.04 -6.99
CA VAL B 260 -19.19 27.13 -7.02
C VAL B 260 -19.52 25.89 -6.20
N GLY B 261 -19.42 24.72 -6.83
CA GLY B 261 -19.87 23.47 -6.27
C GLY B 261 -18.69 22.55 -5.98
N ILE B 262 -18.67 22.03 -4.76
CA ILE B 262 -17.64 21.09 -4.33
C ILE B 262 -18.26 19.69 -4.20
N VAL B 263 -17.64 18.72 -4.85
CA VAL B 263 -18.13 17.35 -4.85
C VAL B 263 -17.03 16.46 -4.32
N GLU B 264 -17.31 15.75 -3.24
CA GLU B 264 -16.42 14.74 -2.70
C GLU B 264 -16.74 13.38 -3.33
N LEU B 265 -15.70 12.69 -3.77
CA LEU B 265 -15.80 11.44 -4.51
C LEU B 265 -15.42 10.28 -3.61
N ASP B 266 -15.91 9.08 -3.95
CA ASP B 266 -15.49 7.86 -3.27
C ASP B 266 -14.47 7.08 -4.13
N GLU B 267 -14.09 5.90 -3.63
CA GLU B 267 -13.07 5.07 -4.29
C GLU B 267 -13.36 4.83 -5.77
N HIS B 268 -14.63 4.84 -6.16
CA HIS B 268 -15.03 4.55 -7.52
C HIS B 268 -15.41 5.81 -8.31
N GLY B 269 -15.01 6.98 -7.83
CA GLY B 269 -15.35 8.18 -8.55
C GLY B 269 -16.81 8.57 -8.47
N LEU B 270 -17.58 8.02 -7.53
CA LEU B 270 -18.96 8.44 -7.38
C LEU B 270 -19.09 9.62 -6.42
N GLY B 271 -20.17 10.37 -6.62
CA GLY B 271 -20.44 11.51 -5.77
C GLY B 271 -21.00 11.16 -4.42
N ARG B 272 -20.17 11.36 -3.41
CA ARG B 272 -20.49 11.11 -2.01
C ARG B 272 -21.17 12.30 -1.33
N ARG B 273 -20.62 13.50 -1.55
CA ARG B 273 -21.19 14.70 -0.96
C ARG B 273 -21.14 15.82 -1.98
N VAL B 274 -22.15 16.68 -2.00
CA VAL B 274 -22.17 17.86 -2.86
C VAL B 274 -22.52 19.08 -2.02
N GLN B 275 -21.75 20.14 -2.18
CA GLN B 275 -22.02 21.43 -1.54
C GLN B 275 -22.05 22.48 -2.64
N ALA B 276 -23.22 23.08 -2.89
CA ALA B 276 -23.37 24.15 -3.86
C ALA B 276 -23.31 25.48 -3.12
N PHE B 277 -22.22 26.22 -3.29
CA PHE B 277 -22.07 27.52 -2.65
C PHE B 277 -22.59 28.62 -3.57
N TRP B 278 -23.62 29.34 -3.13
CA TRP B 278 -24.02 30.58 -3.79
C TRP B 278 -24.82 31.38 -2.78
N GLY B 279 -24.67 32.70 -2.87
CA GLY B 279 -25.30 33.62 -1.94
C GLY B 279 -26.40 34.42 -2.60
N VAL B 280 -27.21 35.04 -1.75
CA VAL B 280 -28.28 35.89 -2.27
C VAL B 280 -27.74 37.00 -3.14
N THR B 281 -26.56 37.52 -2.80
CA THR B 281 -25.90 38.49 -3.68
C THR B 281 -25.21 37.84 -4.86
N ASP B 282 -25.49 36.57 -5.16
CA ASP B 282 -24.92 35.89 -6.32
C ASP B 282 -25.98 35.58 -7.35
N VAL B 283 -27.19 36.09 -7.16
CA VAL B 283 -28.29 35.93 -8.10
C VAL B 283 -28.56 37.26 -8.81
N THR B 284 -28.88 37.18 -10.09
CA THR B 284 -29.26 38.30 -10.93
C THR B 284 -30.64 38.07 -11.53
N MET B 285 -31.56 39.02 -11.30
CA MET B 285 -32.85 39.00 -11.99
C MET B 285 -32.65 39.68 -13.35
N ASP B 286 -32.05 38.95 -14.29
CA ASP B 286 -31.97 39.46 -15.66
C ASP B 286 -33.38 39.55 -16.25
N ASP B 287 -33.58 40.50 -17.19
CA ASP B 287 -34.92 40.72 -17.78
C ASP B 287 -34.80 41.10 -19.27
N ARG B 288 -34.33 40.16 -20.09
CA ARG B 288 -34.23 40.31 -21.54
C ARG B 288 -33.81 38.98 -22.15
N ALA C 15 26.52 -39.20 -0.39
CA ALA C 15 25.08 -39.41 -0.54
C ALA C 15 24.75 -40.57 -1.51
N ALA C 16 23.44 -40.84 -1.69
CA ALA C 16 22.96 -41.88 -2.61
C ALA C 16 21.90 -41.32 -3.54
N MET C 17 21.02 -42.19 -4.04
CA MET C 17 19.92 -41.81 -4.92
C MET C 17 20.40 -41.18 -6.22
N ASN C 18 20.66 -41.99 -7.25
CA ASN C 18 21.09 -41.50 -8.55
C ASN C 18 19.92 -40.82 -9.28
N GLU C 19 20.18 -40.33 -10.49
CA GLU C 19 19.18 -39.53 -11.18
C GLU C 19 17.96 -40.36 -11.52
N PHE C 20 18.17 -41.60 -11.95
CA PHE C 20 17.03 -42.45 -12.29
C PHE C 20 16.19 -42.71 -11.05
N ALA C 21 16.86 -42.94 -9.92
CA ALA C 21 16.14 -43.16 -8.68
C ALA C 21 15.22 -41.99 -8.36
N ARG C 22 15.78 -40.77 -8.39
CA ARG C 22 15.02 -39.57 -8.07
C ARG C 22 13.86 -39.36 -9.06
N LYS C 23 14.11 -39.53 -10.36
CA LYS C 23 13.02 -39.36 -11.31
C LYS C 23 11.89 -40.36 -11.05
N LYS C 24 12.24 -41.60 -10.70
CA LYS C 24 11.21 -42.60 -10.42
C LYS C 24 10.44 -42.24 -9.16
N ARG C 25 11.13 -41.79 -8.13
CA ARG C 25 10.43 -41.33 -6.94
C ARG C 25 9.50 -40.17 -7.27
N ALA C 26 9.91 -39.28 -8.18
CA ALA C 26 9.01 -38.20 -8.59
C ALA C 26 7.70 -38.76 -9.09
N LEU C 27 7.76 -39.78 -9.95
CA LEU C 27 6.53 -40.35 -10.50
C LEU C 27 5.76 -41.11 -9.45
N GLU C 28 6.45 -41.81 -8.55
CA GLU C 28 5.76 -42.56 -7.52
C GLU C 28 4.92 -41.65 -6.62
N HIS C 29 5.44 -40.47 -6.31
CA HIS C 29 4.65 -39.49 -5.56
C HIS C 29 3.34 -39.24 -6.26
N SER C 30 3.40 -38.94 -7.56
CA SER C 30 2.20 -38.67 -8.30
C SER C 30 1.29 -39.89 -8.33
N ARG C 31 1.88 -41.09 -8.46
CA ARG C 31 1.08 -42.32 -8.46
C ARG C 31 0.29 -42.45 -7.17
N ARG C 32 0.92 -42.19 -6.03
CA ARG C 32 0.24 -42.30 -4.75
C ARG C 32 -0.84 -41.23 -4.59
N ILE C 33 -0.67 -40.05 -5.21
CA ILE C 33 -1.73 -39.05 -5.13
C ILE C 33 -2.99 -39.59 -5.77
N ASN C 34 -2.84 -40.11 -6.98
CA ASN C 34 -3.97 -40.68 -7.67
C ASN C 34 -4.53 -41.86 -6.90
N ALA C 35 -3.68 -42.59 -6.20
CA ALA C 35 -4.16 -43.76 -5.46
C ALA C 35 -5.12 -43.38 -4.35
N GLY C 36 -4.98 -42.19 -3.78
CA GLY C 36 -5.90 -41.71 -2.76
C GLY C 36 -5.59 -42.10 -1.33
N ASP C 37 -4.54 -42.89 -1.08
CA ASP C 37 -4.15 -43.25 0.28
C ASP C 37 -3.26 -42.17 0.87
N LEU C 38 -3.73 -41.51 1.93
CA LEU C 38 -3.00 -40.38 2.50
C LEU C 38 -1.74 -40.84 3.24
N ASP C 39 -1.82 -41.94 3.97
CA ASP C 39 -0.65 -42.48 4.64
C ASP C 39 0.44 -42.80 3.63
N ALA C 40 0.06 -43.42 2.51
CA ALA C 40 1.02 -43.77 1.48
C ALA C 40 1.74 -42.55 0.94
N ILE C 41 1.01 -41.44 0.78
CA ILE C 41 1.63 -40.22 0.28
C ILE C 41 2.62 -39.68 1.30
N ILE C 42 2.16 -39.50 2.54
CA ILE C 42 2.99 -38.93 3.59
C ILE C 42 4.27 -39.74 3.79
N ASP C 43 4.20 -41.06 3.60
CA ASP C 43 5.37 -41.90 3.80
C ASP C 43 6.54 -41.48 2.91
N LEU C 44 6.24 -40.82 1.79
CA LEU C 44 7.29 -40.35 0.89
C LEU C 44 8.06 -39.16 1.45
N TYR C 45 7.64 -38.59 2.58
CA TYR C 45 8.17 -37.34 3.10
C TYR C 45 8.98 -37.58 4.37
N ALA C 46 10.06 -36.84 4.53
CA ALA C 46 10.74 -36.80 5.81
C ALA C 46 9.79 -36.23 6.88
N PRO C 47 10.00 -36.56 8.16
CA PRO C 47 9.06 -36.08 9.19
C PRO C 47 9.05 -34.56 9.36
N ASP C 48 10.15 -33.88 9.01
CA ASP C 48 10.30 -32.43 9.11
C ASP C 48 10.30 -31.74 7.76
N ALA C 49 9.72 -32.36 6.73
CA ALA C 49 9.77 -31.82 5.38
C ALA C 49 8.97 -30.52 5.29
N VAL C 50 9.25 -29.75 4.23
CA VAL C 50 8.65 -28.45 4.01
C VAL C 50 7.98 -28.43 2.64
N LEU C 51 6.74 -27.95 2.59
CA LEU C 51 5.94 -27.92 1.37
C LEU C 51 5.45 -26.51 1.12
N GLU C 52 5.61 -26.03 -0.12
CA GLU C 52 5.07 -24.75 -0.55
C GLU C 52 4.14 -24.98 -1.72
N ASP C 53 2.84 -24.81 -1.52
CA ASP C 53 1.86 -25.03 -2.59
C ASP C 53 0.70 -24.03 -2.57
N PRO C 54 0.76 -22.97 -3.41
CA PRO C 54 1.81 -22.63 -4.39
C PRO C 54 2.95 -21.82 -3.79
N VAL C 55 4.07 -21.75 -4.50
CA VAL C 55 5.14 -20.83 -4.15
C VAL C 55 4.57 -19.41 -4.11
N GLY C 56 4.79 -18.73 -2.99
CA GLY C 56 4.17 -17.44 -2.72
C GLY C 56 3.31 -17.44 -1.48
N LEU C 57 2.73 -18.60 -1.13
CA LEU C 57 2.10 -18.76 0.15
C LEU C 57 3.08 -19.23 1.21
N PRO C 58 2.80 -18.93 2.46
CA PRO C 58 3.61 -19.43 3.53
C PRO C 58 3.72 -20.94 3.45
N PRO C 59 4.92 -21.47 3.68
CA PRO C 59 5.12 -22.91 3.60
C PRO C 59 4.55 -23.61 4.83
N VAL C 60 4.46 -24.94 4.72
CA VAL C 60 3.92 -25.80 5.77
C VAL C 60 4.96 -26.85 6.11
N THR C 61 5.03 -27.24 7.39
CA THR C 61 6.13 -28.09 7.84
C THR C 61 5.66 -29.29 8.65
N GLY C 62 6.26 -30.42 8.37
CA GLY C 62 6.03 -31.57 9.21
C GLY C 62 4.87 -32.40 8.71
N HIS C 63 4.93 -33.70 9.00
CA HIS C 63 3.89 -34.60 8.52
C HIS C 63 2.51 -34.07 8.84
N ASP C 64 2.33 -33.54 10.05
CA ASP C 64 0.98 -33.19 10.50
C ASP C 64 0.37 -32.12 9.61
N ALA C 65 1.14 -31.08 9.30
CA ALA C 65 0.63 -30.07 8.39
C ALA C 65 0.36 -30.67 7.02
N LEU C 66 1.22 -31.60 6.58
CA LEU C 66 1.06 -32.24 5.28
C LEU C 66 -0.25 -33.00 5.20
N ARG C 67 -0.58 -33.81 6.22
CA ARG C 67 -1.89 -34.46 6.18
C ARG C 67 -2.98 -33.42 6.05
N ALA C 68 -2.87 -32.33 6.81
CA ALA C 68 -3.86 -31.26 6.74
C ALA C 68 -3.96 -30.66 5.37
N HIS C 69 -2.84 -30.60 4.63
CA HIS C 69 -2.83 -30.03 3.28
C HIS C 69 -3.44 -30.99 2.26
N TYR C 70 -3.15 -32.27 2.40
CA TYR C 70 -3.50 -33.26 1.41
C TYR C 70 -4.89 -33.84 1.57
N GLU C 71 -5.44 -33.88 2.78
CA GLU C 71 -6.75 -34.50 2.94
C GLU C 71 -7.82 -33.80 2.11
N PRO C 72 -7.97 -32.47 2.15
CA PRO C 72 -9.00 -31.83 1.29
C PRO C 72 -8.78 -32.10 -0.19
N LEU C 73 -7.53 -32.10 -0.66
CA LEU C 73 -7.26 -32.43 -2.05
C LEU C 73 -7.75 -33.84 -2.39
N LEU C 74 -7.36 -34.84 -1.60
CA LEU C 74 -7.81 -36.20 -1.85
C LEU C 74 -9.33 -36.28 -1.76
N ALA C 75 -9.93 -35.48 -0.87
CA ALA C 75 -11.38 -35.46 -0.73
C ALA C 75 -12.06 -35.04 -2.02
N ALA C 76 -11.46 -34.12 -2.77
CA ALA C 76 -11.99 -33.72 -4.07
C ALA C 76 -11.53 -34.65 -5.20
N HIS C 77 -10.95 -35.81 -4.87
CA HIS C 77 -10.63 -36.82 -5.87
C HIS C 77 -9.60 -36.28 -6.87
N LEU C 78 -8.60 -35.59 -6.35
CA LEU C 78 -7.53 -35.03 -7.15
C LEU C 78 -6.87 -36.10 -8.01
N ARG C 79 -6.87 -35.88 -9.32
CA ARG C 79 -6.20 -36.74 -10.27
C ARG C 79 -5.12 -35.97 -11.02
N GLU C 80 -4.00 -36.63 -11.23
CA GLU C 80 -2.82 -36.00 -11.80
C GLU C 80 -2.37 -36.77 -13.04
N GLU C 81 -1.99 -36.02 -14.06
CA GLU C 81 -1.30 -36.51 -15.24
C GLU C 81 0.12 -35.95 -15.20
N ALA C 82 1.10 -36.83 -15.09
CA ALA C 82 2.47 -36.40 -14.88
C ALA C 82 3.23 -36.42 -16.20
N ALA C 83 3.99 -35.36 -16.45
CA ALA C 83 4.88 -35.34 -17.59
C ALA C 83 6.15 -36.12 -17.26
N GLU C 84 7.07 -36.22 -18.20
CA GLU C 84 8.33 -36.89 -17.90
C GLU C 84 9.23 -36.00 -17.04
N PRO C 85 9.70 -36.46 -15.90
CA PRO C 85 10.55 -35.63 -15.06
C PRO C 85 11.89 -35.36 -15.70
N VAL C 86 12.58 -34.38 -15.13
CA VAL C 86 14.00 -34.17 -15.35
C VAL C 86 14.67 -34.21 -13.97
N ALA C 87 15.98 -34.45 -13.97
CA ALA C 87 16.78 -34.50 -12.76
C ALA C 87 17.68 -33.27 -12.63
N GLY C 88 18.06 -32.95 -11.40
CA GLY C 88 19.14 -32.02 -11.17
C GLY C 88 20.45 -32.77 -11.04
N GLN C 89 21.55 -32.12 -11.41
CA GLN C 89 22.84 -32.80 -11.28
C GLN C 89 23.50 -32.51 -9.95
N ASP C 90 22.73 -32.69 -8.87
CA ASP C 90 23.18 -32.31 -7.53
C ASP C 90 22.81 -33.35 -6.48
N ALA C 91 22.42 -34.55 -6.90
CA ALA C 91 22.05 -35.65 -6.03
C ALA C 91 20.82 -35.35 -5.16
N THR C 92 20.04 -34.33 -5.46
CA THR C 92 18.86 -34.12 -4.62
C THR C 92 17.58 -33.84 -5.38
N HIS C 93 17.68 -33.16 -6.52
CA HIS C 93 16.51 -32.53 -7.09
C HIS C 93 15.95 -33.36 -8.22
N ALA C 94 14.62 -33.45 -8.27
CA ALA C 94 13.87 -33.90 -9.42
C ALA C 94 12.73 -32.94 -9.66
N LEU C 95 12.42 -32.70 -10.93
CA LEU C 95 11.38 -31.76 -11.29
C LEU C 95 10.38 -32.48 -12.17
N ILE C 96 9.10 -32.15 -12.03
CA ILE C 96 8.13 -32.88 -12.82
C ILE C 96 6.89 -31.99 -13.00
N GLN C 97 6.40 -31.90 -14.22
CA GLN C 97 5.23 -31.10 -14.47
C GLN C 97 3.97 -31.94 -14.30
N ILE C 98 2.93 -31.33 -13.72
CA ILE C 98 1.70 -32.03 -13.36
C ILE C 98 0.51 -31.26 -13.94
N SER C 99 -0.44 -31.99 -14.49
CA SER C 99 -1.75 -31.42 -14.76
C SER C 99 -2.72 -32.04 -13.76
N SER C 100 -3.42 -31.18 -13.02
CA SER C 100 -4.32 -31.59 -11.96
C SER C 100 -5.74 -31.42 -12.43
N VAL C 101 -6.62 -32.22 -11.87
CA VAL C 101 -8.05 -31.92 -11.86
C VAL C 101 -8.62 -32.43 -10.55
N MET C 102 -9.53 -31.64 -9.98
CA MET C 102 -10.18 -32.01 -8.75
C MET C 102 -11.58 -31.42 -8.76
N ASP C 103 -12.44 -31.99 -7.95
CA ASP C 103 -13.74 -31.40 -7.75
C ASP C 103 -13.58 -30.01 -7.17
N TYR C 104 -14.47 -29.11 -7.55
CA TYR C 104 -14.40 -27.76 -7.01
C TYR C 104 -14.59 -27.76 -5.48
N LEU C 105 -15.46 -28.64 -4.96
CA LEU C 105 -15.47 -28.70 -3.51
C LEU C 105 -14.51 -29.79 -3.01
N PRO C 106 -13.87 -29.61 -1.85
CA PRO C 106 -14.01 -28.51 -0.88
C PRO C 106 -13.01 -27.35 -0.97
N VAL C 107 -12.02 -27.31 -1.85
CA VAL C 107 -11.01 -26.25 -1.77
C VAL C 107 -11.39 -25.00 -2.56
N GLY C 108 -12.08 -25.16 -3.69
CA GLY C 108 -12.44 -24.11 -4.60
C GLY C 108 -12.96 -22.83 -3.98
N PRO C 109 -13.91 -22.93 -3.05
CA PRO C 109 -14.41 -21.71 -2.42
C PRO C 109 -13.28 -20.89 -1.80
N LEU C 110 -12.32 -21.57 -1.17
CA LEU C 110 -11.18 -20.85 -0.60
C LEU C 110 -10.30 -20.24 -1.68
N TYR C 111 -10.15 -20.92 -2.82
CA TYR C 111 -9.37 -20.32 -3.90
C TYR C 111 -10.03 -19.04 -4.37
N ALA C 112 -11.36 -19.10 -4.55
CA ALA C 112 -12.13 -17.94 -4.96
C ALA C 112 -12.02 -16.81 -3.95
N GLU C 113 -12.06 -17.15 -2.66
CA GLU C 113 -11.91 -16.14 -1.63
C GLU C 113 -10.63 -15.34 -1.76
N ARG C 114 -9.56 -15.96 -2.23
CA ARG C 114 -8.30 -15.26 -2.37
C ARG C 114 -8.16 -14.52 -3.69
N GLY C 115 -9.11 -14.73 -4.61
CA GLY C 115 -9.11 -14.05 -5.89
C GLY C 115 -8.40 -14.79 -7.01
N TRP C 116 -8.17 -16.07 -6.85
CA TRP C 116 -7.48 -16.88 -7.82
C TRP C 116 -8.42 -17.47 -8.87
N LEU C 117 -9.72 -17.41 -8.60
CA LEU C 117 -10.77 -18.19 -9.24
C LEU C 117 -12.02 -17.35 -9.32
N LYS C 118 -12.77 -17.47 -10.40
CA LYS C 118 -14.12 -16.94 -10.39
C LYS C 118 -15.02 -18.08 -10.00
N ALA C 119 -15.88 -17.85 -9.03
CA ALA C 119 -16.67 -18.95 -8.48
C ALA C 119 -17.69 -19.45 -9.49
N PRO C 120 -17.88 -20.76 -9.60
CA PRO C 120 -18.79 -21.29 -10.61
C PRO C 120 -20.24 -21.16 -10.15
N ASP C 121 -21.15 -21.41 -11.10
CA ASP C 121 -22.56 -21.31 -10.78
C ASP C 121 -23.05 -22.53 -10.01
N ALA C 122 -22.46 -23.70 -10.30
CA ALA C 122 -22.91 -25.00 -9.82
C ALA C 122 -21.74 -25.68 -9.14
N PRO C 123 -21.40 -25.25 -7.91
CA PRO C 123 -20.17 -25.74 -7.26
C PRO C 123 -20.16 -27.23 -7.06
N GLY C 124 -21.33 -27.88 -6.97
CA GLY C 124 -21.35 -29.31 -6.75
C GLY C 124 -20.92 -30.14 -7.94
N THR C 125 -20.81 -29.54 -9.12
CA THR C 125 -20.35 -30.26 -10.29
C THR C 125 -19.11 -29.64 -10.92
N ALA C 126 -18.70 -28.45 -10.48
CA ALA C 126 -17.56 -27.79 -11.08
C ALA C 126 -16.28 -28.55 -10.78
N ARG C 127 -15.25 -28.31 -11.60
CA ARG C 127 -13.93 -28.89 -11.42
C ARG C 127 -12.86 -27.79 -11.51
N ILE C 128 -11.65 -28.15 -11.11
CA ILE C 128 -10.55 -27.22 -11.05
C ILE C 128 -9.40 -27.85 -11.80
N HIS C 129 -8.93 -27.20 -12.85
CA HIS C 129 -7.76 -27.68 -13.57
C HIS C 129 -6.56 -26.84 -13.24
N ARG C 130 -5.41 -27.50 -13.13
CA ARG C 130 -4.21 -26.83 -12.70
C ARG C 130 -3.02 -27.44 -13.45
N THR C 131 -2.05 -26.61 -13.83
CA THR C 131 -0.77 -27.10 -14.33
C THR C 131 0.36 -26.43 -13.56
N ALA C 132 1.23 -27.25 -12.97
CA ALA C 132 2.30 -26.77 -12.10
C ALA C 132 3.58 -27.56 -12.35
N MET C 133 4.68 -26.98 -11.89
CA MET C 133 5.97 -27.65 -11.87
C MET C 133 6.32 -27.97 -10.43
N LEU C 134 6.53 -29.24 -10.14
CA LEU C 134 6.96 -29.62 -8.81
C LEU C 134 8.48 -29.67 -8.81
N VAL C 135 9.07 -28.96 -7.86
CA VAL C 135 10.51 -29.02 -7.62
C VAL C 135 10.70 -29.73 -6.29
N ILE C 136 11.30 -30.92 -6.35
CA ILE C 136 11.36 -31.82 -5.22
C ILE C 136 12.81 -32.00 -4.84
N ARG C 137 13.14 -31.71 -3.58
CA ARG C 137 14.46 -31.97 -2.99
C ARG C 137 14.37 -33.22 -2.12
N MET C 138 15.13 -34.26 -2.48
CA MET C 138 15.16 -35.51 -1.74
C MET C 138 16.51 -35.71 -1.08
N ASP C 139 16.48 -36.42 0.04
CA ASP C 139 17.70 -36.75 0.76
C ASP C 139 18.16 -38.13 0.34
N ALA C 140 19.30 -38.55 0.90
CA ALA C 140 20.00 -39.72 0.37
C ALA C 140 19.12 -40.97 0.38
N SER C 141 18.13 -41.04 1.28
CA SER C 141 17.21 -42.18 1.33
C SER C 141 16.03 -42.09 0.36
N GLY C 142 15.90 -41.01 -0.41
CA GLY C 142 14.75 -40.90 -1.28
C GLY C 142 13.54 -40.27 -0.63
N LEU C 143 13.62 -39.90 0.63
CA LEU C 143 12.59 -39.13 1.29
C LEU C 143 12.61 -37.67 0.83
N ILE C 144 11.42 -37.07 0.77
CA ILE C 144 11.32 -35.70 0.34
C ILE C 144 11.66 -34.77 1.51
N ARG C 145 12.60 -33.87 1.28
CA ARG C 145 12.90 -32.85 2.26
C ARG C 145 12.15 -31.57 1.97
N HIS C 146 11.93 -31.28 0.70
CA HIS C 146 11.37 -29.99 0.34
C HIS C 146 10.71 -30.11 -1.02
N LEU C 147 9.44 -29.72 -1.10
CA LEU C 147 8.67 -29.79 -2.34
C LEU C 147 8.09 -28.43 -2.59
N LYS C 148 8.41 -27.85 -3.74
CA LYS C 148 7.86 -26.57 -4.19
C LYS C 148 6.94 -26.82 -5.38
N SER C 149 5.75 -26.24 -5.33
CA SER C 149 4.78 -26.33 -6.42
C SER C 149 4.58 -24.93 -7.01
N TYR C 150 5.03 -24.72 -8.23
CA TYR C 150 4.95 -23.43 -8.92
C TYR C 150 3.68 -23.37 -9.78
N TRP C 151 2.72 -22.54 -9.38
CA TRP C 151 1.59 -22.26 -10.26
C TRP C 151 0.98 -20.92 -9.83
N GLY C 152 0.34 -20.26 -10.78
CA GLY C 152 -0.29 -18.99 -10.52
C GLY C 152 -1.68 -18.95 -11.11
N THR C 153 -2.36 -17.79 -11.04
CA THR C 153 -3.76 -17.72 -11.47
C THR C 153 -3.90 -18.03 -12.94
N SER C 154 -2.89 -17.67 -13.72
CA SER C 154 -2.82 -17.97 -15.13
C SER C 154 -2.47 -19.42 -15.38
N ASP C 155 -2.36 -20.25 -14.34
CA ASP C 155 -2.14 -21.68 -14.48
C ASP C 155 -3.29 -22.48 -13.89
N LEU C 156 -4.44 -21.83 -13.74
CA LEU C 156 -5.62 -22.32 -13.05
C LEU C 156 -6.88 -22.06 -13.88
N SER C 157 -7.76 -23.06 -13.95
CA SER C 157 -8.98 -22.94 -14.74
C SER C 157 -9.98 -21.94 -14.14
N GLY C 158 -9.52 -20.71 -13.91
CA GLY C 158 -10.22 -19.68 -13.15
C GLY C 158 -11.43 -19.03 -13.79
N GLY C 159 -11.31 -17.75 -14.17
CA GLY C 159 -10.12 -16.96 -13.98
C GLY C 159 -10.28 -15.53 -14.50
N PRO C 164 -5.45 -13.82 -18.12
CA PRO C 164 -4.00 -13.87 -17.82
C PRO C 164 -3.57 -12.66 -16.98
N ASP C 165 -2.83 -12.89 -15.88
CA ASP C 165 -2.48 -11.83 -14.95
C ASP C 165 -1.40 -10.91 -15.53
N GLU C 166 -0.24 -10.86 -14.88
CA GLU C 166 0.93 -10.17 -15.44
C GLU C 166 1.57 -11.04 -16.53
N ALA C 167 0.72 -11.63 -17.40
CA ALA C 167 1.15 -12.48 -18.50
C ALA C 167 2.38 -11.93 -19.22
N ALA C 168 2.62 -10.64 -19.14
CA ALA C 168 3.86 -10.10 -19.66
C ALA C 168 5.05 -10.68 -18.93
N ARG C 169 4.84 -11.18 -17.70
CA ARG C 169 5.93 -11.84 -16.98
C ARG C 169 6.17 -13.24 -17.52
N LYS C 170 5.15 -13.87 -18.09
CA LYS C 170 5.35 -15.14 -18.80
C LYS C 170 6.03 -14.94 -20.16
N GLN C 171 5.91 -13.75 -20.75
CA GLN C 171 6.51 -13.48 -22.07
C GLN C 171 8.04 -13.53 -22.04
N MET C 172 8.65 -13.25 -20.91
CA MET C 172 10.10 -13.27 -20.82
C MET C 172 10.67 -14.61 -21.31
N ALA C 173 9.88 -15.68 -21.31
CA ALA C 173 10.37 -16.93 -21.84
C ALA C 173 10.46 -16.89 -23.36
N VAL C 174 9.44 -16.36 -24.02
CA VAL C 174 9.47 -16.24 -25.48
C VAL C 174 10.59 -15.31 -25.93
N ASP C 175 10.78 -14.21 -25.21
CA ASP C 175 11.83 -13.28 -25.57
C ASP C 175 13.20 -13.96 -25.42
N TYR C 176 13.42 -14.66 -24.31
CA TYR C 176 14.70 -15.33 -24.09
C TYR C 176 15.00 -16.29 -25.22
N ALA C 177 14.03 -17.17 -25.53
CA ALA C 177 14.22 -18.17 -26.58
C ALA C 177 14.49 -17.52 -27.93
N GLU C 178 13.64 -16.56 -28.31
CA GLU C 178 13.73 -15.98 -29.63
C GLU C 178 15.08 -15.30 -29.85
N ARG C 179 15.55 -14.55 -28.87
CA ARG C 179 16.81 -13.83 -29.04
C ARG C 179 17.98 -14.80 -29.10
N ILE C 180 18.07 -15.73 -28.16
CA ILE C 180 19.22 -16.63 -28.16
C ILE C 180 19.19 -17.53 -29.39
N ASN C 181 17.99 -17.84 -29.89
CA ASN C 181 17.90 -18.55 -31.16
C ASN C 181 18.51 -17.73 -32.27
N ALA C 182 18.31 -16.41 -32.24
CA ALA C 182 18.83 -15.49 -33.24
C ALA C 182 20.30 -15.16 -33.09
N GLY C 183 20.95 -15.63 -32.04
CA GLY C 183 22.31 -15.17 -31.80
C GLY C 183 22.41 -13.78 -31.21
N ASP C 184 21.29 -13.20 -30.76
CA ASP C 184 21.19 -11.84 -30.19
C ASP C 184 21.56 -11.81 -28.70
N ILE C 185 22.87 -11.89 -28.43
CA ILE C 185 23.36 -12.02 -27.06
C ILE C 185 23.00 -10.80 -26.23
N GLU C 186 23.20 -9.61 -26.78
CA GLU C 186 23.00 -8.41 -25.97
C GLU C 186 21.52 -8.26 -25.63
N GLY C 187 20.65 -8.53 -26.59
CA GLY C 187 19.22 -8.50 -26.30
C GLY C 187 18.82 -9.53 -25.26
N VAL C 188 19.52 -10.68 -25.24
CA VAL C 188 19.32 -11.66 -24.18
C VAL C 188 19.78 -11.10 -22.85
N LEU C 189 21.02 -10.61 -22.81
CA LEU C 189 21.55 -10.00 -21.61
C LEU C 189 20.63 -8.89 -21.07
N ASP C 190 19.98 -8.15 -21.96
CA ASP C 190 19.05 -7.12 -21.49
C ASP C 190 17.91 -7.67 -20.63
N LEU C 191 17.67 -8.97 -20.65
CA LEU C 191 16.58 -9.50 -19.84
C LEU C 191 16.96 -9.71 -18.37
N PHE C 192 18.19 -9.44 -17.97
CA PHE C 192 18.63 -9.79 -16.63
C PHE C 192 19.30 -8.61 -15.92
N THR C 193 19.30 -8.69 -14.61
CA THR C 193 20.01 -7.71 -13.82
C THR C 193 21.50 -7.95 -13.94
N ASP C 194 22.29 -6.90 -13.70
CA ASP C 194 23.74 -7.02 -13.71
C ASP C 194 24.23 -7.87 -12.56
N ASP C 195 23.36 -8.06 -11.58
CA ASP C 195 23.50 -8.90 -10.41
C ASP C 195 23.25 -10.40 -10.74
N ILE C 196 23.09 -10.77 -12.03
CA ILE C 196 22.48 -12.04 -12.39
C ILE C 196 23.29 -13.21 -11.86
N VAL C 197 22.61 -14.18 -11.26
CA VAL C 197 23.24 -15.41 -10.82
C VAL C 197 22.63 -16.56 -11.61
N PHE C 198 23.51 -17.36 -12.21
CA PHE C 198 23.16 -18.26 -13.29
C PHE C 198 23.75 -19.63 -13.00
N GLU C 199 22.90 -20.66 -12.90
CA GLU C 199 23.36 -22.04 -12.85
C GLU C 199 22.91 -22.77 -14.10
N ASP C 200 23.83 -23.48 -14.70
CA ASP C 200 23.46 -24.20 -15.89
C ASP C 200 24.52 -25.24 -16.23
N PRO C 201 24.32 -26.49 -15.81
CA PRO C 201 23.17 -27.07 -15.14
C PRO C 201 23.20 -26.87 -13.62
N VAL C 202 22.04 -26.99 -12.97
CA VAL C 202 22.02 -27.04 -11.51
C VAL C 202 22.84 -28.25 -11.10
N GLY C 203 23.81 -28.00 -10.23
CA GLY C 203 24.83 -28.95 -9.86
C GLY C 203 26.22 -28.50 -10.25
N ARG C 204 26.35 -27.59 -11.21
CA ARG C 204 27.66 -27.03 -11.53
C ARG C 204 27.78 -25.64 -10.90
N PRO C 205 29.00 -25.19 -10.61
CA PRO C 205 29.16 -23.93 -9.87
C PRO C 205 28.54 -22.78 -10.63
N PRO C 206 27.86 -21.87 -9.94
CA PRO C 206 27.12 -20.80 -10.63
C PRO C 206 28.01 -19.61 -10.99
N MET C 207 27.58 -18.89 -12.02
CA MET C 207 28.23 -17.67 -12.49
C MET C 207 27.47 -16.44 -12.04
N VAL C 208 28.19 -15.36 -11.73
CA VAL C 208 27.57 -14.09 -11.36
C VAL C 208 27.99 -13.01 -12.35
N GLY C 209 27.05 -12.12 -12.68
CA GLY C 209 27.31 -10.94 -13.49
C GLY C 209 27.37 -11.16 -14.99
N LYS C 210 27.00 -10.13 -15.76
CA LYS C 210 26.80 -10.25 -17.21
C LYS C 210 28.08 -10.53 -18.00
N ASP C 211 29.25 -10.39 -17.42
CA ASP C 211 30.44 -10.78 -18.17
C ASP C 211 30.51 -12.28 -18.31
N ASP C 212 30.41 -12.99 -17.18
CA ASP C 212 30.26 -14.43 -17.20
C ASP C 212 29.11 -14.88 -18.08
N LEU C 213 27.96 -14.24 -17.95
CA LEU C 213 26.79 -14.66 -18.72
C LEU C 213 27.01 -14.50 -20.21
N ARG C 214 27.66 -13.40 -20.62
CA ARG C 214 27.98 -13.21 -22.03
C ARG C 214 28.82 -14.37 -22.55
N ARG C 215 29.86 -14.75 -21.80
CA ARG C 215 30.71 -15.84 -22.24
C ARG C 215 29.91 -17.13 -22.35
N HIS C 216 29.11 -17.43 -21.34
CA HIS C 216 28.23 -18.59 -21.40
C HIS C 216 27.40 -18.55 -22.68
N LEU C 217 26.82 -17.39 -22.98
CA LEU C 217 25.97 -17.29 -24.15
C LEU C 217 26.77 -17.38 -25.45
N GLU C 218 28.02 -16.90 -25.47
CA GLU C 218 28.85 -17.05 -26.67
C GLU C 218 29.11 -18.52 -27.01
N LEU C 219 29.55 -19.32 -26.03
CA LEU C 219 29.63 -20.76 -26.27
C LEU C 219 28.31 -21.30 -26.79
N ALA C 220 27.21 -20.89 -26.17
CA ALA C 220 25.90 -21.39 -26.59
C ALA C 220 25.68 -21.13 -28.07
N VAL C 221 25.88 -19.88 -28.52
CA VAL C 221 25.63 -19.55 -29.92
C VAL C 221 26.61 -20.27 -30.85
N SER C 222 27.87 -20.37 -30.43
CA SER C 222 28.88 -20.97 -31.29
C SER C 222 28.61 -22.46 -31.51
N CYS C 223 28.07 -23.17 -30.53
CA CYS C 223 27.71 -24.56 -30.73
C CYS C 223 26.36 -24.75 -31.40
N GLY C 224 25.68 -23.69 -31.80
CA GLY C 224 24.47 -23.83 -32.58
C GLY C 224 23.25 -24.24 -31.80
N THR C 225 23.08 -23.72 -30.57
CA THR C 225 21.95 -24.12 -29.75
C THR C 225 20.63 -23.53 -30.28
N HIS C 226 19.57 -24.32 -30.09
CA HIS C 226 18.23 -23.93 -30.51
C HIS C 226 17.24 -24.38 -29.46
N GLU C 227 16.49 -23.43 -28.92
CA GLU C 227 15.61 -23.60 -27.78
C GLU C 227 14.16 -23.55 -28.21
N VAL C 228 13.36 -24.46 -27.65
CA VAL C 228 11.94 -24.49 -27.92
C VAL C 228 11.23 -24.53 -26.57
N PRO C 229 10.59 -23.46 -26.13
CA PRO C 229 9.92 -23.49 -24.83
C PRO C 229 8.50 -24.00 -24.91
N ASP C 230 8.15 -24.81 -23.92
CA ASP C 230 6.78 -25.14 -23.60
C ASP C 230 6.14 -23.94 -22.89
N PRO C 231 4.82 -23.88 -22.79
CA PRO C 231 4.18 -22.76 -22.09
C PRO C 231 4.62 -22.71 -20.64
N PRO C 232 5.06 -21.54 -20.17
CA PRO C 232 5.61 -21.45 -18.81
C PRO C 232 4.52 -21.44 -17.74
N MET C 233 4.97 -21.60 -16.51
CA MET C 233 4.14 -21.36 -15.36
C MET C 233 4.76 -20.25 -14.52
N THR C 234 3.98 -19.74 -13.58
CA THR C 234 4.48 -18.75 -12.66
C THR C 234 4.28 -19.23 -11.23
N SER C 235 4.95 -18.55 -10.31
CA SER C 235 4.55 -18.64 -8.93
C SER C 235 3.26 -17.83 -8.74
N MET C 236 2.68 -17.92 -7.54
CA MET C 236 1.43 -17.21 -7.29
C MET C 236 1.66 -15.71 -7.21
N ASP C 237 2.75 -15.30 -6.60
CA ASP C 237 3.09 -13.89 -6.48
C ASP C 237 3.79 -13.36 -7.73
N ASP C 238 3.81 -14.13 -8.82
CA ASP C 238 4.46 -13.75 -10.10
C ASP C 238 5.91 -13.31 -9.93
N ARG C 239 6.62 -13.91 -8.97
CA ARG C 239 8.04 -13.63 -8.81
C ARG C 239 8.91 -14.58 -9.60
N PHE C 240 8.37 -15.72 -10.02
CA PHE C 240 9.11 -16.79 -10.68
C PHE C 240 8.44 -17.14 -11.99
N VAL C 241 9.27 -17.46 -13.00
CA VAL C 241 8.77 -17.95 -14.28
C VAL C 241 9.44 -19.27 -14.55
N VAL C 242 8.65 -20.33 -14.64
CA VAL C 242 9.18 -21.66 -14.82
C VAL C 242 8.95 -22.09 -16.26
N THR C 243 10.02 -22.43 -16.96
CA THR C 243 9.93 -22.70 -18.39
C THR C 243 10.51 -24.06 -18.73
N PRO C 244 9.69 -25.03 -19.11
CA PRO C 244 10.22 -26.24 -19.73
C PRO C 244 10.65 -25.94 -21.17
N THR C 245 11.85 -26.37 -21.52
CA THR C 245 12.30 -26.32 -22.90
C THR C 245 12.84 -27.67 -23.34
N THR C 246 12.83 -27.85 -24.64
CA THR C 246 13.75 -28.78 -25.27
C THR C 246 14.75 -27.92 -26.02
N VAL C 247 16.03 -28.22 -25.83
CA VAL C 247 17.12 -27.49 -26.47
C VAL C 247 17.97 -28.50 -27.23
N THR C 248 18.31 -28.14 -28.47
CA THR C 248 19.21 -28.92 -29.30
C THR C 248 20.46 -28.10 -29.59
N VAL C 249 21.61 -28.77 -29.72
CA VAL C 249 22.86 -28.16 -30.12
C VAL C 249 23.41 -28.90 -31.33
N GLN C 250 24.26 -28.21 -32.10
CA GLN C 250 24.91 -28.80 -33.28
C GLN C 250 26.36 -29.20 -33.03
N ARG C 251 27.07 -28.56 -32.10
CA ARG C 251 28.46 -28.89 -31.87
C ARG C 251 28.69 -29.22 -30.40
N PRO C 252 29.54 -30.21 -30.08
CA PRO C 252 30.41 -31.02 -30.96
C PRO C 252 29.70 -32.21 -31.64
N ARG C 253 28.48 -32.55 -31.21
CA ARG C 253 27.60 -33.54 -31.81
C ARG C 253 26.21 -32.96 -31.75
N PRO C 254 25.34 -33.29 -32.67
CA PRO C 254 23.92 -32.89 -32.50
C PRO C 254 23.30 -33.62 -31.34
N MET C 255 22.95 -32.88 -30.29
CA MET C 255 22.36 -33.46 -29.09
C MET C 255 21.12 -32.67 -28.71
N THR C 256 20.33 -33.27 -27.83
CA THR C 256 19.09 -32.66 -27.38
C THR C 256 19.01 -32.71 -25.86
N PHE C 257 18.64 -31.57 -25.25
CA PHE C 257 18.50 -31.45 -23.81
C PHE C 257 17.03 -31.21 -23.42
N ARG C 258 16.54 -31.93 -22.40
CA ARG C 258 15.27 -31.59 -21.76
C ARG C 258 15.57 -30.81 -20.48
N ILE C 259 15.19 -29.54 -20.48
CA ILE C 259 15.58 -28.58 -19.47
C ILE C 259 14.32 -27.91 -18.95
N VAL C 260 14.33 -27.58 -17.66
CA VAL C 260 13.33 -26.69 -17.10
C VAL C 260 14.06 -25.58 -16.35
N GLY C 261 13.73 -24.33 -16.67
CA GLY C 261 14.43 -23.18 -16.14
C GLY C 261 13.54 -22.38 -15.21
N ILE C 262 14.09 -22.03 -14.05
CA ILE C 262 13.40 -21.20 -13.06
C ILE C 262 14.10 -19.85 -13.03
N VAL C 263 13.34 -18.78 -13.17
CA VAL C 263 13.92 -17.44 -13.18
C VAL C 263 13.22 -16.61 -12.11
N GLU C 264 13.99 -16.05 -11.19
CA GLU C 264 13.45 -15.15 -10.18
C GLU C 264 13.61 -13.71 -10.65
N LEU C 265 12.51 -12.95 -10.64
CA LEU C 265 12.47 -11.62 -11.21
C LEU C 265 12.57 -10.57 -10.13
N ASP C 266 13.03 -9.38 -10.53
CA ASP C 266 13.11 -8.31 -9.55
C ASP C 266 11.89 -7.40 -9.72
N GLU C 267 11.98 -6.25 -9.06
CA GLU C 267 10.92 -5.25 -9.07
C GLU C 267 10.45 -4.92 -10.47
N HIS C 268 11.38 -4.88 -11.43
CA HIS C 268 11.10 -4.40 -12.77
C HIS C 268 11.01 -5.53 -13.79
N GLY C 269 10.80 -6.75 -13.34
CA GLY C 269 10.70 -7.84 -14.28
C GLY C 269 12.01 -8.27 -14.91
N LEU C 270 13.14 -7.87 -14.34
CA LEU C 270 14.42 -8.36 -14.81
C LEU C 270 14.74 -9.66 -14.09
N GLY C 271 15.44 -10.53 -14.78
CA GLY C 271 15.83 -11.79 -14.20
C GLY C 271 17.02 -11.54 -13.30
N ARG C 272 16.86 -11.86 -12.02
CA ARG C 272 17.94 -11.71 -11.06
C ARG C 272 18.66 -13.00 -10.74
N ARG C 273 18.00 -14.14 -10.89
CA ARG C 273 18.60 -15.45 -10.62
C ARG C 273 17.94 -16.48 -11.54
N VAL C 274 18.75 -17.32 -12.16
CA VAL C 274 18.25 -18.32 -13.10
C VAL C 274 18.81 -19.67 -12.71
N GLN C 275 17.95 -20.69 -12.74
CA GLN C 275 18.36 -22.07 -12.49
C GLN C 275 17.96 -22.98 -13.64
N ALA C 276 18.94 -23.55 -14.33
CA ALA C 276 18.69 -24.51 -15.40
C ALA C 276 18.80 -25.94 -14.86
N PHE C 277 17.67 -26.60 -14.67
CA PHE C 277 17.67 -27.99 -14.21
C PHE C 277 17.71 -28.89 -15.44
N TRP C 278 18.74 -29.71 -15.53
CA TRP C 278 18.71 -30.79 -16.50
C TRP C 278 19.69 -31.85 -16.03
N GLY C 279 19.34 -33.10 -16.31
CA GLY C 279 20.14 -34.18 -15.80
C GLY C 279 20.98 -34.82 -16.89
N VAL C 280 22.02 -35.55 -16.47
CA VAL C 280 22.88 -36.29 -17.37
C VAL C 280 22.04 -37.27 -18.19
N THR C 281 21.01 -37.83 -17.56
CA THR C 281 20.00 -38.68 -18.17
C THR C 281 18.91 -37.89 -18.91
N ASP C 282 19.10 -36.60 -19.09
CA ASP C 282 18.15 -35.80 -19.86
C ASP C 282 18.75 -35.36 -21.17
N VAL C 283 19.98 -35.82 -21.46
CA VAL C 283 20.63 -35.51 -22.72
C VAL C 283 20.47 -36.73 -23.60
N THR C 284 20.01 -36.51 -24.81
CA THR C 284 19.77 -37.59 -25.74
C THR C 284 20.50 -37.25 -27.03
N MET C 285 20.52 -38.20 -27.96
CA MET C 285 20.95 -37.89 -29.31
C MET C 285 19.77 -37.72 -30.26
N ASP C 286 18.55 -38.00 -29.80
CA ASP C 286 17.35 -38.01 -30.63
C ASP C 286 16.87 -36.60 -31.02
N ASP C 287 15.56 -36.49 -31.31
CA ASP C 287 14.84 -35.33 -31.84
C ASP C 287 15.12 -35.13 -33.34
N ARG C 288 14.40 -34.20 -33.97
CA ARG C 288 14.45 -33.93 -35.42
C ARG C 288 15.86 -33.95 -36.03
N MET D 17 -42.24 -3.24 3.48
CA MET D 17 -41.11 -3.41 4.40
C MET D 17 -41.09 -2.34 5.50
N ASN D 18 -42.06 -2.36 6.39
CA ASN D 18 -42.04 -1.47 7.53
C ASN D 18 -40.88 -1.84 8.44
N GLU D 19 -40.78 -1.15 9.57
CA GLU D 19 -39.67 -1.43 10.48
C GLU D 19 -39.71 -2.86 11.00
N PHE D 20 -40.90 -3.37 11.33
CA PHE D 20 -41.00 -4.70 11.92
C PHE D 20 -40.56 -5.78 10.94
N ALA D 21 -41.05 -5.69 9.70
CA ALA D 21 -40.70 -6.68 8.69
C ALA D 21 -39.19 -6.79 8.51
N ARG D 22 -38.51 -5.65 8.37
CA ARG D 22 -37.07 -5.63 8.15
C ARG D 22 -36.33 -6.26 9.33
N LYS D 23 -36.74 -5.93 10.55
CA LYS D 23 -36.09 -6.55 11.69
C LYS D 23 -36.28 -8.06 11.65
N LYS D 24 -37.52 -8.50 11.48
CA LYS D 24 -37.80 -9.93 11.42
C LYS D 24 -36.95 -10.61 10.34
N ARG D 25 -36.80 -9.95 9.19
CA ARG D 25 -36.03 -10.53 8.10
C ARG D 25 -34.56 -10.69 8.45
N ALA D 26 -33.98 -9.71 9.17
CA ALA D 26 -32.60 -9.81 9.61
C ALA D 26 -32.36 -11.07 10.43
N LEU D 27 -33.28 -11.38 11.36
CA LEU D 27 -33.11 -12.58 12.18
C LEU D 27 -33.27 -13.81 11.33
N GLU D 28 -34.17 -13.76 10.34
CA GLU D 28 -34.39 -14.92 9.50
C GLU D 28 -33.10 -15.32 8.80
N HIS D 29 -32.35 -14.33 8.32
CA HIS D 29 -31.05 -14.58 7.71
C HIS D 29 -30.14 -15.36 8.65
N SER D 30 -30.01 -14.85 9.86
CA SER D 30 -29.16 -15.50 10.83
C SER D 30 -29.68 -16.91 11.14
N ARG D 31 -31.00 -17.09 11.12
CA ARG D 31 -31.63 -18.39 11.33
C ARG D 31 -31.21 -19.39 10.26
N ARG D 32 -31.27 -19.00 9.00
CA ARG D 32 -30.89 -19.89 7.91
C ARG D 32 -29.42 -20.21 7.93
N ILE D 33 -28.60 -19.28 8.45
CA ILE D 33 -27.20 -19.58 8.65
C ILE D 33 -27.04 -20.70 9.66
N ASN D 34 -27.74 -20.57 10.79
CA ASN D 34 -27.68 -21.63 11.77
C ASN D 34 -28.30 -22.91 11.20
N ALA D 35 -29.30 -22.76 10.33
CA ALA D 35 -29.93 -23.93 9.72
C ALA D 35 -28.95 -24.70 8.85
N GLY D 36 -27.90 -24.05 8.35
CA GLY D 36 -26.89 -24.73 7.57
C GLY D 36 -27.19 -24.91 6.10
N ASP D 37 -28.37 -24.50 5.61
CA ASP D 37 -28.74 -24.65 4.21
C ASP D 37 -28.24 -23.47 3.38
N LEU D 38 -27.36 -23.76 2.43
CA LEU D 38 -26.80 -22.67 1.63
C LEU D 38 -27.85 -22.12 0.66
N ASP D 39 -28.67 -23.00 0.09
CA ASP D 39 -29.71 -22.54 -0.83
C ASP D 39 -30.67 -21.58 -0.14
N ALA D 40 -31.11 -21.93 1.07
CA ALA D 40 -32.04 -21.06 1.79
C ALA D 40 -31.42 -19.69 2.04
N ILE D 41 -30.12 -19.64 2.25
CA ILE D 41 -29.47 -18.37 2.53
C ILE D 41 -29.50 -17.48 1.29
N ILE D 42 -29.05 -18.03 0.16
CA ILE D 42 -28.95 -17.25 -1.08
C ILE D 42 -30.32 -16.74 -1.53
N ASP D 43 -31.39 -17.46 -1.17
CA ASP D 43 -32.74 -17.07 -1.55
C ASP D 43 -33.09 -15.68 -1.02
N LEU D 44 -32.48 -15.29 0.09
CA LEU D 44 -32.72 -13.99 0.71
C LEU D 44 -32.03 -12.82 0.01
N TYR D 45 -31.21 -13.08 -1.01
CA TYR D 45 -30.38 -12.05 -1.64
C TYR D 45 -30.88 -11.73 -3.04
N ALA D 46 -30.88 -10.46 -3.40
CA ALA D 46 -31.13 -10.10 -4.79
C ALA D 46 -30.04 -10.76 -5.65
N PRO D 47 -30.37 -11.12 -6.90
CA PRO D 47 -29.38 -11.81 -7.74
C PRO D 47 -28.16 -10.96 -8.02
N ASP D 48 -28.30 -9.65 -7.94
CA ASP D 48 -27.24 -8.68 -8.16
C ASP D 48 -26.76 -8.07 -6.86
N ALA D 49 -26.99 -8.77 -5.74
CA ALA D 49 -26.68 -8.23 -4.42
C ALA D 49 -25.18 -8.11 -4.21
N VAL D 50 -24.81 -7.30 -3.22
CA VAL D 50 -23.41 -7.00 -2.91
C VAL D 50 -23.14 -7.25 -1.44
N LEU D 51 -21.98 -7.84 -1.14
CA LEU D 51 -21.59 -8.20 0.22
C LEU D 51 -20.20 -7.67 0.52
N GLU D 52 -20.03 -7.08 1.71
CA GLU D 52 -18.72 -6.72 2.23
C GLU D 52 -18.53 -7.39 3.58
N ASP D 53 -17.61 -8.35 3.65
CA ASP D 53 -17.34 -9.09 4.89
C ASP D 53 -15.87 -9.47 4.95
N PRO D 54 -15.05 -8.70 5.68
CA PRO D 54 -15.41 -7.52 6.48
C PRO D 54 -15.35 -6.27 5.67
N VAL D 55 -16.02 -5.24 6.19
CA VAL D 55 -15.90 -3.92 5.61
C VAL D 55 -14.44 -3.55 5.61
N GLY D 56 -13.95 -3.10 4.45
CA GLY D 56 -12.55 -2.79 4.25
C GLY D 56 -11.89 -3.65 3.20
N LEU D 57 -12.41 -4.89 3.00
CA LEU D 57 -12.03 -5.69 1.85
C LEU D 57 -12.89 -5.38 0.65
N PRO D 58 -12.38 -5.64 -0.55
CA PRO D 58 -13.17 -5.48 -1.77
C PRO D 58 -14.45 -6.27 -1.71
N PRO D 59 -15.55 -5.70 -2.23
CA PRO D 59 -16.85 -6.38 -2.16
C PRO D 59 -16.97 -7.57 -3.10
N VAL D 60 -18.07 -8.26 -2.89
CA VAL D 60 -18.40 -9.51 -3.55
C VAL D 60 -19.80 -9.34 -4.14
N THR D 61 -20.03 -9.86 -5.35
CA THR D 61 -21.29 -9.59 -6.01
C THR D 61 -21.90 -10.82 -6.65
N GLY D 62 -23.21 -10.98 -6.47
CA GLY D 62 -23.92 -11.99 -7.22
C GLY D 62 -23.97 -13.33 -6.51
N HIS D 63 -25.06 -14.07 -6.79
CA HIS D 63 -25.31 -15.35 -6.14
C HIS D 63 -24.13 -16.31 -6.23
N ASP D 64 -23.42 -16.36 -7.37
CA ASP D 64 -22.31 -17.30 -7.48
C ASP D 64 -21.21 -16.97 -6.48
N ALA D 65 -20.83 -15.69 -6.39
CA ALA D 65 -19.79 -15.31 -5.46
C ALA D 65 -20.24 -15.52 -4.03
N LEU D 66 -21.53 -15.27 -3.76
CA LEU D 66 -22.06 -15.47 -2.43
C LEU D 66 -21.90 -16.93 -2.00
N ARG D 67 -22.22 -17.89 -2.87
CA ARG D 67 -22.01 -19.29 -2.49
C ARG D 67 -20.56 -19.55 -2.12
N ALA D 68 -19.63 -18.96 -2.87
CA ALA D 68 -18.22 -19.16 -2.54
C ALA D 68 -17.90 -18.60 -1.16
N HIS D 69 -18.55 -17.51 -0.78
CA HIS D 69 -18.24 -16.91 0.51
C HIS D 69 -18.83 -17.68 1.66
N TYR D 70 -20.02 -18.22 1.50
CA TYR D 70 -20.67 -18.86 2.63
C TYR D 70 -20.30 -20.32 2.80
N GLU D 71 -19.93 -21.02 1.72
CA GLU D 71 -19.72 -22.46 1.84
C GLU D 71 -18.66 -22.78 2.86
N PRO D 72 -17.47 -22.20 2.83
CA PRO D 72 -16.47 -22.59 3.85
C PRO D 72 -16.95 -22.31 5.26
N LEU D 73 -17.65 -21.19 5.48
CA LEU D 73 -18.23 -20.91 6.79
C LEU D 73 -19.17 -22.04 7.23
N LEU D 74 -20.12 -22.40 6.38
CA LEU D 74 -21.05 -23.45 6.75
C LEU D 74 -20.34 -24.76 7.04
N ALA D 75 -19.29 -25.08 6.28
CA ALA D 75 -18.53 -26.28 6.57
C ALA D 75 -17.89 -26.21 7.95
N ALA D 76 -17.55 -25.01 8.41
CA ALA D 76 -16.99 -24.86 9.74
C ALA D 76 -18.05 -24.84 10.83
N HIS D 77 -19.30 -25.23 10.54
CA HIS D 77 -20.38 -25.31 11.54
C HIS D 77 -20.66 -23.96 12.19
N LEU D 78 -20.58 -22.88 11.40
CA LEU D 78 -20.82 -21.55 11.94
C LEU D 78 -22.19 -21.48 12.63
N ARG D 79 -22.19 -21.01 13.88
CA ARG D 79 -23.41 -20.82 14.66
CA ARG D 79 -23.41 -20.82 14.65
C ARG D 79 -23.42 -19.39 15.19
N GLU D 80 -24.46 -18.63 14.82
CA GLU D 80 -24.61 -17.23 15.21
C GLU D 80 -25.58 -17.06 16.37
N GLU D 81 -25.23 -16.16 17.29
CA GLU D 81 -26.14 -15.67 18.31
C GLU D 81 -26.41 -14.21 18.00
N ALA D 82 -27.65 -13.89 17.68
CA ALA D 82 -28.00 -12.55 17.21
C ALA D 82 -28.63 -11.72 18.32
N ALA D 83 -28.25 -10.45 18.41
CA ALA D 83 -28.95 -9.58 19.32
C ALA D 83 -30.25 -9.09 18.68
N GLU D 84 -31.00 -8.28 19.41
CA GLU D 84 -32.20 -7.72 18.83
C GLU D 84 -31.83 -6.69 17.80
N PRO D 85 -32.31 -6.82 16.56
CA PRO D 85 -31.97 -5.82 15.56
C PRO D 85 -32.54 -4.47 15.94
N VAL D 86 -32.07 -3.44 15.24
CA VAL D 86 -32.70 -2.13 15.24
C VAL D 86 -33.02 -1.84 13.79
N ALA D 87 -33.93 -0.90 13.59
CA ALA D 87 -34.32 -0.48 12.24
C ALA D 87 -33.79 0.92 11.95
N GLY D 88 -33.54 1.19 10.67
CA GLY D 88 -33.31 2.55 10.24
C GLY D 88 -34.63 3.16 9.82
N GLN D 89 -34.75 4.47 10.04
CA GLN D 89 -35.99 5.17 9.71
C GLN D 89 -35.97 5.66 8.28
N ASP D 90 -35.67 4.73 7.36
CA ASP D 90 -35.45 5.05 5.96
C ASP D 90 -36.00 4.00 5.00
N ALA D 91 -36.84 3.08 5.47
CA ALA D 91 -37.49 2.02 4.69
C ALA D 91 -36.52 1.06 4.01
N THR D 92 -35.24 0.98 4.42
CA THR D 92 -34.38 -0.04 3.80
C THR D 92 -33.54 -0.83 4.79
N HIS D 93 -33.20 -0.24 5.93
CA HIS D 93 -32.14 -0.83 6.73
C HIS D 93 -32.66 -1.52 8.00
N ALA D 94 -32.03 -2.66 8.30
CA ALA D 94 -32.07 -3.28 9.60
C ALA D 94 -30.63 -3.62 9.94
N LEU D 95 -30.27 -3.46 11.20
CA LEU D 95 -28.92 -3.72 11.64
C LEU D 95 -28.97 -4.76 12.73
N ILE D 96 -27.96 -5.62 12.79
CA ILE D 96 -28.04 -6.66 13.79
C ILE D 96 -26.64 -7.05 14.25
N GLN D 97 -26.46 -7.14 15.57
CA GLN D 97 -25.17 -7.52 16.11
C GLN D 97 -25.07 -9.04 16.20
N ILE D 98 -23.88 -9.58 15.88
CA ILE D 98 -23.71 -11.03 15.74
C ILE D 98 -22.51 -11.50 16.54
N SER D 99 -22.68 -12.60 17.28
CA SER D 99 -21.57 -13.38 17.82
C SER D 99 -21.51 -14.71 17.11
N SER D 100 -20.33 -15.04 16.58
CA SER D 100 -20.11 -16.22 15.79
C SER D 100 -19.24 -17.17 16.58
N VAL D 101 -19.44 -18.46 16.37
CA VAL D 101 -18.38 -19.41 16.69
C VAL D 101 -18.36 -20.47 15.60
N MET D 102 -17.17 -20.84 15.16
CA MET D 102 -16.99 -21.79 14.08
C MET D 102 -15.66 -22.52 14.24
N ASP D 103 -15.53 -23.64 13.54
CA ASP D 103 -14.26 -24.35 13.46
C ASP D 103 -13.17 -23.45 12.91
N TYR D 104 -11.94 -23.64 13.40
CA TYR D 104 -10.79 -22.93 12.84
C TYR D 104 -10.54 -23.33 11.39
N LEU D 105 -10.80 -24.61 11.07
CA LEU D 105 -10.69 -25.03 9.68
C LEU D 105 -12.05 -24.91 9.01
N PRO D 106 -12.14 -24.55 7.72
CA PRO D 106 -11.07 -24.25 6.76
C PRO D 106 -10.69 -22.79 6.57
N VAL D 107 -11.36 -21.82 7.18
CA VAL D 107 -11.03 -20.43 6.88
C VAL D 107 -9.94 -19.87 7.78
N GLY D 108 -9.87 -20.31 9.04
CA GLY D 108 -8.90 -19.79 9.97
C GLY D 108 -7.52 -19.63 9.36
N PRO D 109 -6.99 -20.68 8.74
CA PRO D 109 -5.67 -20.56 8.10
C PRO D 109 -5.58 -19.35 7.21
N LEU D 110 -6.66 -19.07 6.49
CA LEU D 110 -6.65 -17.93 5.58
C LEU D 110 -6.58 -16.61 6.36
N TYR D 111 -7.24 -16.54 7.53
CA TYR D 111 -7.14 -15.37 8.40
C TYR D 111 -5.73 -15.21 8.96
N ALA D 112 -5.11 -16.32 9.39
CA ALA D 112 -3.75 -16.26 9.91
C ALA D 112 -2.79 -15.66 8.87
N GLU D 113 -2.95 -16.09 7.62
CA GLU D 113 -2.18 -15.53 6.52
C GLU D 113 -2.27 -14.02 6.47
N ARG D 114 -3.47 -13.47 6.66
CA ARG D 114 -3.64 -12.04 6.53
C ARG D 114 -3.22 -11.28 7.79
N GLY D 115 -2.72 -11.98 8.81
CA GLY D 115 -2.36 -11.33 10.05
C GLY D 115 -3.54 -10.94 10.92
N TRP D 116 -4.68 -11.56 10.70
CA TRP D 116 -5.87 -11.24 11.48
C TRP D 116 -5.99 -12.06 12.74
N LEU D 117 -5.22 -13.13 12.84
CA LEU D 117 -5.36 -14.18 13.83
C LEU D 117 -4.02 -14.87 14.02
N LYS D 118 -3.75 -15.34 15.23
CA LYS D 118 -2.52 -16.08 15.48
C LYS D 118 -2.81 -17.56 15.28
N ALA D 119 -2.02 -18.23 14.47
CA ALA D 119 -2.34 -19.62 14.16
C ALA D 119 -2.34 -20.45 15.45
N PRO D 120 -3.33 -21.33 15.65
CA PRO D 120 -3.41 -22.10 16.89
C PRO D 120 -2.52 -23.34 16.87
N ASP D 121 -2.34 -23.91 18.07
CA ASP D 121 -1.49 -25.08 18.24
C ASP D 121 -2.20 -26.36 17.82
N ALA D 122 -3.50 -26.50 18.07
CA ALA D 122 -4.24 -27.68 17.69
C ALA D 122 -5.37 -27.27 16.74
N PRO D 123 -5.01 -26.88 15.52
CA PRO D 123 -6.02 -26.33 14.60
C PRO D 123 -7.19 -27.25 14.38
N GLY D 124 -7.01 -28.55 14.63
CA GLY D 124 -8.08 -29.48 14.48
C GLY D 124 -9.15 -29.40 15.54
N THR D 125 -8.89 -28.69 16.64
CA THR D 125 -9.91 -28.50 17.68
C THR D 125 -10.23 -27.05 17.96
N ALA D 126 -9.52 -26.11 17.35
CA ALA D 126 -9.70 -24.70 17.63
C ALA D 126 -11.04 -24.19 17.14
N ARG D 127 -11.47 -23.08 17.74
CA ARG D 127 -12.67 -22.38 17.29
C ARG D 127 -12.31 -20.93 17.03
N ILE D 128 -13.22 -20.25 16.33
CA ILE D 128 -13.09 -18.84 15.99
C ILE D 128 -14.35 -18.16 16.50
N HIS D 129 -14.16 -17.22 17.41
CA HIS D 129 -15.23 -16.40 17.96
C HIS D 129 -15.16 -15.06 17.21
N ARG D 130 -16.31 -14.52 16.85
CA ARG D 130 -16.32 -13.27 16.11
C ARG D 130 -17.50 -12.44 16.59
N THR D 131 -17.31 -11.14 16.71
CA THR D 131 -18.45 -10.25 16.92
C THR D 131 -18.42 -9.18 15.83
N ALA D 132 -19.54 -9.03 15.12
CA ALA D 132 -19.66 -8.10 14.00
C ALA D 132 -21.00 -7.39 14.05
N MET D 133 -21.09 -6.28 13.33
CA MET D 133 -22.36 -5.59 13.12
C MET D 133 -22.75 -5.76 11.67
N LEU D 134 -23.91 -6.34 11.43
CA LEU D 134 -24.40 -6.51 10.07
C LEU D 134 -25.32 -5.34 9.76
N VAL D 135 -25.03 -4.62 8.69
CA VAL D 135 -25.89 -3.56 8.24
C VAL D 135 -26.52 -4.03 6.94
N ILE D 136 -27.82 -4.29 6.96
CA ILE D 136 -28.50 -4.96 5.86
C ILE D 136 -29.45 -3.98 5.19
N ARG D 137 -29.25 -3.77 3.89
CA ARG D 137 -30.14 -2.97 3.06
C ARG D 137 -31.04 -3.92 2.28
N MET D 138 -32.34 -3.79 2.48
CA MET D 138 -33.31 -4.55 1.73
C MET D 138 -34.13 -3.63 0.83
N ASP D 139 -34.56 -4.15 -0.29
CA ASP D 139 -35.48 -3.41 -1.13
C ASP D 139 -36.89 -3.89 -0.77
N ALA D 140 -37.90 -3.28 -1.40
CA ALA D 140 -39.27 -3.40 -0.90
C ALA D 140 -39.73 -4.84 -0.82
N SER D 141 -39.21 -5.72 -1.66
CA SER D 141 -39.63 -7.11 -1.59
C SER D 141 -38.96 -7.90 -0.45
N GLY D 142 -38.08 -7.27 0.34
CA GLY D 142 -37.39 -7.93 1.43
C GLY D 142 -36.11 -8.64 1.04
N LEU D 143 -35.74 -8.65 -0.23
CA LEU D 143 -34.47 -9.18 -0.66
C LEU D 143 -33.32 -8.23 -0.30
N ILE D 144 -32.16 -8.81 -0.01
CA ILE D 144 -31.00 -8.02 0.39
C ILE D 144 -30.32 -7.47 -0.86
N ARG D 145 -30.12 -6.16 -0.90
CA ARG D 145 -29.39 -5.56 -2.00
C ARG D 145 -27.93 -5.33 -1.68
N HIS D 146 -27.62 -5.06 -0.41
CA HIS D 146 -26.28 -4.70 0.02
C HIS D 146 -26.11 -5.06 1.49
N LEU D 147 -25.08 -5.84 1.81
CA LEU D 147 -24.86 -6.23 3.19
C LEU D 147 -23.44 -5.87 3.58
N LYS D 148 -23.30 -5.10 4.65
CA LYS D 148 -22.01 -4.72 5.20
C LYS D 148 -21.82 -5.40 6.55
N SER D 149 -20.71 -6.09 6.72
CA SER D 149 -20.40 -6.78 7.97
C SER D 149 -19.19 -6.08 8.57
N TYR D 150 -19.39 -5.35 9.67
CA TYR D 150 -18.29 -4.61 10.28
C TYR D 150 -17.64 -5.46 11.37
N TRP D 151 -16.43 -5.91 11.12
CA TRP D 151 -15.64 -6.50 12.17
C TRP D 151 -14.18 -6.35 11.77
N GLY D 152 -13.32 -6.28 12.78
CA GLY D 152 -11.91 -6.08 12.53
C GLY D 152 -11.08 -7.04 13.34
N THR D 153 -9.76 -6.85 13.35
CA THR D 153 -8.88 -7.84 13.99
C THR D 153 -9.11 -7.95 15.49
N SER D 154 -9.47 -6.85 16.17
CA SER D 154 -9.75 -6.86 17.60
C SER D 154 -11.12 -7.42 17.93
N ASP D 155 -11.85 -7.90 16.93
CA ASP D 155 -13.16 -8.50 17.08
C ASP D 155 -13.14 -9.97 16.73
N LEU D 156 -11.96 -10.56 16.78
CA LEU D 156 -11.68 -11.91 16.32
C LEU D 156 -10.84 -12.60 17.39
N SER D 157 -11.15 -13.87 17.67
CA SER D 157 -10.47 -14.65 18.70
C SER D 157 -10.40 -16.11 18.30
N GLY D 158 -9.21 -16.71 18.37
CA GLY D 158 -9.05 -18.14 18.15
C GLY D 158 -7.70 -18.51 17.57
N GLY D 161 -9.15 -10.76 21.50
CA GLY D 161 -8.73 -9.68 20.63
C GLY D 161 -7.29 -9.25 20.82
N PRO D 162 -6.66 -8.72 19.76
CA PRO D 162 -5.34 -8.07 19.89
C PRO D 162 -5.42 -6.55 20.18
N ALA D 163 -5.80 -5.75 19.17
CA ALA D 163 -6.01 -4.29 19.30
C ALA D 163 -4.72 -3.49 19.53
N ALA D 164 -4.11 -2.96 18.46
CA ALA D 164 -2.89 -2.15 18.56
C ALA D 164 -3.18 -0.66 18.48
N ASP D 165 -3.72 -0.20 17.34
CA ASP D 165 -4.33 1.13 17.20
C ASP D 165 -5.85 1.09 17.08
N GLU D 166 -6.41 -0.04 16.66
CA GLU D 166 -7.84 -0.26 16.78
C GLU D 166 -8.25 0.15 18.20
N ALA D 167 -7.45 -0.24 19.19
CA ALA D 167 -7.79 0.06 20.59
C ALA D 167 -7.81 1.56 20.88
N ALA D 168 -7.05 2.37 20.14
CA ALA D 168 -7.22 3.81 20.31
C ALA D 168 -8.38 4.36 19.50
N ARG D 169 -8.67 3.77 18.34
CA ARG D 169 -9.82 4.24 17.60
C ARG D 169 -11.11 3.69 18.18
N LYS D 170 -11.05 2.52 18.81
CA LYS D 170 -12.21 2.03 19.58
C LYS D 170 -12.43 2.88 20.81
N GLN D 171 -11.37 3.51 21.31
CA GLN D 171 -11.48 4.35 22.49
C GLN D 171 -12.38 5.54 22.22
N MET D 172 -12.47 5.95 20.96
CA MET D 172 -13.30 7.10 20.60
C MET D 172 -14.76 6.91 20.99
N ALA D 173 -15.25 5.67 21.05
CA ALA D 173 -16.64 5.44 21.45
C ALA D 173 -16.81 5.60 22.96
N VAL D 174 -15.86 5.07 23.72
CA VAL D 174 -15.89 5.26 25.18
C VAL D 174 -15.80 6.73 25.52
N ASP D 175 -14.97 7.47 24.79
CA ASP D 175 -14.79 8.88 25.08
C ASP D 175 -16.07 9.65 24.83
N TYR D 176 -16.69 9.46 23.67
CA TYR D 176 -17.93 10.17 23.33
C TYR D 176 -18.97 9.99 24.43
N ALA D 177 -19.30 8.73 24.74
CA ALA D 177 -20.32 8.47 25.73
C ALA D 177 -19.97 9.08 27.07
N GLU D 178 -18.71 8.96 27.48
CA GLU D 178 -18.30 9.46 28.77
C GLU D 178 -18.40 10.99 28.81
N ARG D 179 -17.87 11.65 27.79
CA ARG D 179 -17.85 13.11 27.77
C ARG D 179 -19.28 13.65 27.73
N ILE D 180 -20.13 13.07 26.88
CA ILE D 180 -21.51 13.54 26.74
C ILE D 180 -22.32 13.25 28.00
N ASN D 181 -22.04 12.14 28.69
CA ASN D 181 -22.75 11.86 29.94
C ASN D 181 -22.50 12.93 30.97
N ALA D 182 -21.28 13.45 31.02
CA ALA D 182 -20.93 14.53 31.91
C ALA D 182 -21.39 15.90 31.38
N GLY D 183 -21.97 15.97 30.19
CA GLY D 183 -22.29 17.26 29.65
C GLY D 183 -21.15 18.07 29.04
N ASP D 184 -19.98 17.46 28.81
CA ASP D 184 -18.82 18.17 28.26
C ASP D 184 -18.99 18.33 26.75
N ILE D 185 -19.84 19.29 26.38
CA ILE D 185 -20.23 19.45 24.99
C ILE D 185 -19.01 19.75 24.13
N GLU D 186 -18.19 20.70 24.59
CA GLU D 186 -17.04 21.11 23.79
C GLU D 186 -16.04 19.97 23.65
N GLY D 187 -15.88 19.18 24.71
CA GLY D 187 -15.03 18.00 24.64
C GLY D 187 -15.52 16.98 23.66
N VAL D 188 -16.84 16.90 23.47
CA VAL D 188 -17.41 16.02 22.45
C VAL D 188 -17.06 16.52 21.06
N LEU D 189 -17.32 17.79 20.79
CA LEU D 189 -17.05 18.37 19.48
C LEU D 189 -15.62 18.08 19.01
N ASP D 190 -14.67 18.11 19.93
CA ASP D 190 -13.27 17.81 19.67
C ASP D 190 -13.08 16.41 19.10
N LEU D 191 -14.08 15.56 19.16
CA LEU D 191 -13.91 14.26 18.58
C LEU D 191 -14.17 14.27 17.08
N PHE D 192 -14.60 15.40 16.52
CA PHE D 192 -15.10 15.45 15.15
C PHE D 192 -14.45 16.56 14.34
N THR D 193 -14.41 16.35 13.02
CA THR D 193 -13.94 17.33 12.07
C THR D 193 -14.97 18.45 11.88
N ASP D 194 -14.48 19.61 11.38
CA ASP D 194 -15.37 20.73 11.06
C ASP D 194 -16.30 20.39 9.91
N ASP D 195 -15.93 19.39 9.12
CA ASP D 195 -16.65 18.81 7.99
C ASP D 195 -17.82 17.93 8.41
N ILE D 196 -18.10 17.83 9.71
CA ILE D 196 -18.87 16.72 10.23
C ILE D 196 -20.26 16.64 9.64
N VAL D 197 -20.66 15.42 9.29
CA VAL D 197 -22.03 15.08 8.90
C VAL D 197 -22.60 14.10 9.92
N PHE D 198 -23.76 14.43 10.46
CA PHE D 198 -24.33 13.75 11.60
C PHE D 198 -25.80 13.51 11.30
N GLU D 199 -26.18 12.26 11.04
CA GLU D 199 -27.57 11.87 10.92
C GLU D 199 -28.01 11.19 12.21
N ASP D 200 -29.13 11.64 12.76
CA ASP D 200 -29.56 11.10 14.04
C ASP D 200 -31.04 11.46 14.27
N PRO D 201 -31.98 10.62 13.87
CA PRO D 201 -31.83 9.28 13.30
C PRO D 201 -31.55 9.28 11.80
N VAL D 202 -30.97 8.20 11.28
CA VAL D 202 -30.89 8.00 9.85
C VAL D 202 -32.31 7.99 9.31
N GLY D 203 -32.57 8.83 8.30
CA GLY D 203 -33.90 8.99 7.74
C GLY D 203 -34.47 10.38 7.92
N ARG D 204 -34.02 11.09 8.92
CA ARG D 204 -34.37 12.49 9.01
C ARG D 204 -33.19 13.31 8.48
N PRO D 205 -33.39 14.57 8.07
CA PRO D 205 -32.31 15.31 7.40
C PRO D 205 -31.15 15.58 8.35
N PRO D 206 -29.93 15.48 7.87
CA PRO D 206 -28.75 15.49 8.74
C PRO D 206 -28.25 16.88 9.05
N MET D 207 -27.32 16.93 9.99
CA MET D 207 -26.81 18.16 10.56
C MET D 207 -25.40 18.36 10.02
N VAL D 208 -25.05 19.61 9.72
CA VAL D 208 -23.74 19.92 9.18
C VAL D 208 -23.00 20.86 10.12
N GLY D 209 -21.72 20.59 10.36
CA GLY D 209 -20.85 21.51 11.08
C GLY D 209 -21.04 21.51 12.58
N LYS D 210 -20.00 21.90 13.32
CA LYS D 210 -20.04 21.80 14.78
C LYS D 210 -21.09 22.72 15.41
N ASP D 211 -21.63 23.68 14.65
CA ASP D 211 -22.68 24.54 15.18
C ASP D 211 -24.00 23.79 15.27
N ASP D 212 -24.41 23.17 14.16
CA ASP D 212 -25.54 22.24 14.23
C ASP D 212 -25.30 21.25 15.37
N LEU D 213 -24.11 20.66 15.39
CA LEU D 213 -23.82 19.63 16.37
C LEU D 213 -23.90 20.16 17.79
N ARG D 214 -23.44 21.39 18.00
CA ARG D 214 -23.55 21.97 19.33
C ARG D 214 -25.00 22.08 19.75
N ARG D 215 -25.82 22.68 18.90
CA ARG D 215 -27.23 22.79 19.25
C ARG D 215 -27.83 21.42 19.53
N HIS D 216 -27.53 20.43 18.70
CA HIS D 216 -27.97 19.06 18.95
C HIS D 216 -27.48 18.55 20.31
N LEU D 217 -26.20 18.78 20.62
CA LEU D 217 -25.66 18.26 21.89
C LEU D 217 -26.18 19.01 23.10
N GLU D 218 -26.46 20.30 22.95
CA GLU D 218 -27.06 21.04 24.06
C GLU D 218 -28.44 20.48 24.38
N LEU D 219 -29.27 20.30 23.36
CA LEU D 219 -30.56 19.62 23.54
C LEU D 219 -30.38 18.27 24.22
N ALA D 220 -29.44 17.46 23.71
CA ALA D 220 -29.20 16.15 24.30
C ALA D 220 -28.89 16.27 25.79
N VAL D 221 -27.99 17.17 26.14
CA VAL D 221 -27.62 17.32 27.54
C VAL D 221 -28.82 17.78 28.36
N SER D 222 -29.61 18.72 27.82
CA SER D 222 -30.71 19.28 28.57
C SER D 222 -31.82 18.27 28.82
N CYS D 223 -32.06 17.37 27.88
CA CYS D 223 -33.06 16.33 28.11
C CYS D 223 -32.56 15.18 28.98
N GLY D 224 -31.33 15.27 29.46
CA GLY D 224 -30.87 14.26 30.39
C GLY D 224 -30.46 12.99 29.69
N THR D 225 -29.85 13.08 28.52
CA THR D 225 -29.50 11.84 27.85
C THR D 225 -28.32 11.23 28.60
N HIS D 226 -28.31 9.91 28.60
CA HIS D 226 -27.27 9.14 29.26
C HIS D 226 -26.98 7.98 28.33
N GLU D 227 -25.73 7.80 27.94
CA GLU D 227 -25.37 6.79 26.95
C GLU D 227 -24.66 5.63 27.62
N VAL D 228 -24.99 4.42 27.19
CA VAL D 228 -24.29 3.24 27.69
C VAL D 228 -23.96 2.36 26.51
N PRO D 229 -22.70 2.37 26.07
CA PRO D 229 -22.30 1.59 24.90
C PRO D 229 -21.97 0.15 25.22
N ASP D 230 -22.35 -0.74 24.29
CA ASP D 230 -21.73 -2.05 24.24
C ASP D 230 -20.33 -1.88 23.70
N PRO D 231 -19.47 -2.89 23.88
CA PRO D 231 -18.15 -2.84 23.29
C PRO D 231 -18.24 -2.67 21.80
N PRO D 232 -17.53 -1.71 21.25
CA PRO D 232 -17.65 -1.40 19.83
C PRO D 232 -16.92 -2.42 18.98
N MET D 233 -17.21 -2.32 17.68
CA MET D 233 -16.51 -3.03 16.63
C MET D 233 -15.91 -2.00 15.70
N THR D 234 -14.97 -2.45 14.88
CA THR D 234 -14.40 -1.63 13.80
C THR D 234 -14.56 -2.39 12.49
N SER D 235 -14.35 -1.67 11.39
CA SER D 235 -14.09 -2.33 10.14
C SER D 235 -12.66 -2.87 10.16
N MET D 236 -12.28 -3.60 9.10
CA MET D 236 -10.97 -4.22 9.07
C MET D 236 -9.85 -3.17 8.94
N ASP D 237 -10.08 -2.13 8.13
CA ASP D 237 -9.14 -1.04 7.92
C ASP D 237 -9.23 0.05 8.98
N ASP D 238 -10.04 -0.15 10.01
CA ASP D 238 -10.21 0.84 11.07
C ASP D 238 -10.59 2.21 10.55
N ARG D 239 -11.25 2.28 9.39
CA ARG D 239 -11.84 3.55 9.01
C ARG D 239 -13.19 3.79 9.67
N PHE D 240 -13.87 2.74 10.17
CA PHE D 240 -15.18 2.86 10.80
C PHE D 240 -15.17 2.34 12.24
N VAL D 241 -15.90 2.98 13.13
CA VAL D 241 -16.12 2.46 14.47
C VAL D 241 -17.61 2.36 14.69
N VAL D 242 -18.09 1.15 14.98
CA VAL D 242 -19.52 0.87 15.15
C VAL D 242 -19.78 0.70 16.63
N THR D 243 -20.69 1.50 17.17
CA THR D 243 -20.97 1.48 18.60
C THR D 243 -22.45 1.27 18.86
N PRO D 244 -22.85 0.10 19.36
CA PRO D 244 -24.20 -0.02 19.92
C PRO D 244 -24.24 0.65 21.28
N THR D 245 -25.22 1.55 21.47
CA THR D 245 -25.52 2.09 22.79
C THR D 245 -27.00 1.92 23.08
N THR D 246 -27.30 1.90 24.37
CA THR D 246 -28.62 2.16 24.90
C THR D 246 -28.59 3.57 25.44
N VAL D 247 -29.55 4.39 25.04
CA VAL D 247 -29.59 5.78 25.47
C VAL D 247 -30.92 6.01 26.15
N THR D 248 -30.88 6.64 27.31
CA THR D 248 -32.08 7.05 28.01
C THR D 248 -32.09 8.56 28.14
N VAL D 249 -33.27 9.12 28.07
CA VAL D 249 -33.47 10.53 28.33
C VAL D 249 -34.49 10.64 29.44
N GLN D 250 -34.43 11.77 30.15
CA GLN D 250 -35.39 12.07 31.19
C GLN D 250 -36.50 12.96 30.69
N ARG D 251 -36.19 13.80 29.72
CA ARG D 251 -37.16 14.78 29.27
C ARG D 251 -37.29 14.72 27.76
N PRO D 252 -38.51 14.89 27.24
CA PRO D 252 -39.74 15.29 27.93
C PRO D 252 -40.39 14.18 28.74
N ARG D 253 -39.92 12.93 28.61
CA ARG D 253 -40.39 11.77 29.37
C ARG D 253 -39.18 10.87 29.50
N PRO D 254 -39.11 10.07 30.52
CA PRO D 254 -38.12 8.99 30.51
C PRO D 254 -38.37 8.06 29.34
N MET D 255 -37.43 8.04 28.40
CA MET D 255 -37.50 7.12 27.28
C MET D 255 -36.14 6.44 27.13
N THR D 256 -36.16 5.33 26.39
CA THR D 256 -34.99 4.52 26.14
C THR D 256 -34.90 4.25 24.65
N PHE D 257 -33.72 4.48 24.07
CA PHE D 257 -33.47 4.23 22.65
C PHE D 257 -32.47 3.12 22.50
N ARG D 258 -32.74 2.18 21.59
CA ARG D 258 -31.75 1.19 21.16
C ARG D 258 -31.17 1.67 19.85
N ILE D 259 -29.90 2.03 19.87
CA ILE D 259 -29.22 2.72 18.79
C ILE D 259 -27.96 1.95 18.45
N VAL D 260 -27.57 1.99 17.19
CA VAL D 260 -26.22 1.61 16.79
C VAL D 260 -25.63 2.72 15.93
N GLY D 261 -24.43 3.17 16.30
CA GLY D 261 -23.77 4.28 15.64
C GLY D 261 -22.55 3.82 14.85
N ILE D 262 -22.52 4.25 13.57
CA ILE D 262 -21.43 4.02 12.64
C ILE D 262 -20.73 5.36 12.46
N VAL D 263 -19.42 5.39 12.67
CA VAL D 263 -18.67 6.63 12.55
C VAL D 263 -17.54 6.39 11.57
N GLU D 264 -17.44 7.24 10.54
CA GLU D 264 -16.29 7.24 9.64
C GLU D 264 -15.21 8.18 10.16
N LEU D 265 -13.97 7.69 10.23
CA LEU D 265 -12.82 8.44 10.74
C LEU D 265 -11.89 8.85 9.61
N ASP D 266 -11.13 9.91 9.86
CA ASP D 266 -10.14 10.35 8.89
C ASP D 266 -8.73 9.94 9.31
N GLU D 267 -7.74 10.58 8.68
CA GLU D 267 -6.33 10.31 8.94
C GLU D 267 -5.98 10.41 10.43
N HIS D 268 -6.54 11.39 11.13
CA HIS D 268 -6.14 11.64 12.51
C HIS D 268 -7.12 11.09 13.53
N GLY D 269 -7.94 10.11 13.14
CA GLY D 269 -8.87 9.52 14.08
C GLY D 269 -10.02 10.40 14.45
N LEU D 270 -10.28 11.45 13.68
CA LEU D 270 -11.43 12.33 13.90
C LEU D 270 -12.68 11.87 13.15
N GLY D 271 -13.85 12.23 13.70
CA GLY D 271 -15.14 11.89 13.11
C GLY D 271 -15.60 12.74 11.95
N ARG D 272 -15.66 12.15 10.75
CA ARG D 272 -16.05 12.80 9.50
C ARG D 272 -17.55 12.74 9.27
N ARG D 273 -18.12 11.56 9.39
CA ARG D 273 -19.54 11.34 9.21
C ARG D 273 -20.03 10.34 10.26
N VAL D 274 -21.21 10.60 10.79
CA VAL D 274 -21.81 9.76 11.82
C VAL D 274 -23.19 9.38 11.35
N GLN D 275 -23.54 8.11 11.48
CA GLN D 275 -24.87 7.61 11.16
C GLN D 275 -25.39 6.92 12.41
N ALA D 276 -26.40 7.50 13.04
CA ALA D 276 -27.03 6.90 14.22
C ALA D 276 -28.31 6.20 13.79
N PHE D 277 -28.28 4.87 13.74
CA PHE D 277 -29.44 4.06 13.35
C PHE D 277 -30.33 3.74 14.55
N TRP D 278 -31.59 4.15 14.48
CA TRP D 278 -32.59 3.68 15.42
C TRP D 278 -33.96 3.88 14.80
N GLY D 279 -34.87 2.97 15.11
CA GLY D 279 -36.18 3.01 14.49
C GLY D 279 -37.26 3.46 15.43
N VAL D 280 -38.40 3.87 14.88
CA VAL D 280 -39.54 4.29 15.69
C VAL D 280 -39.94 3.20 16.67
N THR D 281 -39.81 1.95 16.25
CA THR D 281 -40.00 0.77 17.06
C THR D 281 -38.78 0.45 17.90
N ASP D 282 -37.82 1.34 18.04
CA ASP D 282 -36.71 1.11 18.93
C ASP D 282 -36.71 2.05 20.13
N VAL D 283 -37.75 2.87 20.27
CA VAL D 283 -37.91 3.73 21.42
C VAL D 283 -39.01 3.14 22.27
N THR D 284 -38.76 3.05 23.56
CA THR D 284 -39.73 2.56 24.52
C THR D 284 -39.81 3.54 25.67
N MET D 285 -40.71 3.24 26.61
CA MET D 285 -40.74 3.93 27.89
C MET D 285 -40.34 2.91 28.94
N ASP D 286 -39.06 2.64 29.00
CA ASP D 286 -38.52 1.69 29.96
C ASP D 286 -37.49 2.42 30.80
N ASP D 287 -36.65 1.64 31.49
CA ASP D 287 -35.38 2.12 32.02
C ASP D 287 -34.34 1.02 31.80
N ARG D 288 -33.26 1.39 31.10
CA ARG D 288 -32.17 0.47 30.80
C ARG D 288 -32.67 -0.83 30.14
C1 GOL E . 32.91 3.87 7.33
O1 GOL E . 33.35 4.50 8.53
C2 GOL E . 33.66 4.52 6.09
O2 GOL E . 33.28 3.93 4.89
C3 GOL E . 33.28 6.00 6.12
O3 GOL E . 33.78 6.55 4.94
C1 PEG F . -2.20 30.39 -0.67
O1 PEG F . -3.09 31.18 0.06
C2 PEG F . -3.06 29.54 -1.59
O2 PEG F . -2.61 29.58 -2.93
C3 PEG F . -2.38 30.89 -3.36
C4 PEG F . -1.07 30.96 -4.14
O4 PEG F . -1.21 30.26 -5.37
C1 GOL G . 5.98 23.02 1.38
O1 GOL G . 5.90 22.82 0.01
C2 GOL G . 4.69 22.40 2.05
O2 GOL G . 4.88 22.03 3.39
C3 GOL G . 3.57 23.45 1.86
O3 GOL G . 3.01 23.20 0.59
C1 GOL H . -15.45 31.03 -9.54
O1 GOL H . -15.56 31.62 -10.81
C2 GOL H . -15.90 32.06 -8.55
O2 GOL H . -16.49 31.45 -7.45
C3 GOL H . -14.61 32.78 -8.18
O3 GOL H . -14.82 33.43 -6.99
C1 GOL I . -1.03 -31.41 -6.46
O1 GOL I . -2.05 -31.02 -7.39
C2 GOL I . -0.43 -30.12 -5.76
O2 GOL I . 0.22 -29.21 -6.65
C3 GOL I . 0.41 -30.60 -4.45
O3 GOL I . 1.47 -31.46 -4.81
C1 PEG J . -4.73 -13.65 0.09
O1 PEG J . -6.00 -13.36 0.61
C2 PEG J . -4.75 -13.30 -1.40
O2 PEG J . -3.78 -14.07 -2.07
C3 PEG J . -2.50 -13.49 -2.18
C4 PEG J . -1.65 -14.25 -3.22
O4 PEG J . -0.38 -13.64 -3.34
C1 PEG K . -22.71 -12.76 7.28
O1 PEG K . -21.61 -13.24 6.56
C2 PEG K . -22.26 -12.50 8.73
O2 PEG K . -20.85 -12.48 8.83
C3 PEG K . -20.39 -12.77 10.13
C4 PEG K . -20.29 -14.29 10.29
O4 PEG K . -20.78 -14.68 11.55
C1 GOL L . -25.98 0.70 2.78
O1 GOL L . -25.78 -0.65 3.21
C2 GOL L . -25.33 0.90 1.33
O2 GOL L . -26.22 0.61 0.29
C3 GOL L . -24.78 2.38 1.28
O3 GOL L . -23.61 2.41 0.48
C1 GOL M . -30.19 11.24 21.52
O1 GOL M . -31.28 10.36 21.48
C2 GOL M . -29.05 10.53 20.75
O2 GOL M . -29.56 9.85 19.63
C3 GOL M . -27.99 11.68 20.41
O3 GOL M . -26.67 11.20 20.70
C1 GOL N . -6.75 -13.42 17.12
O1 GOL N . -7.73 -14.43 17.07
C2 GOL N . -5.97 -13.71 18.41
O2 GOL N . -6.22 -14.98 18.89
C3 GOL N . -4.48 -13.46 18.03
O3 GOL N . -4.18 -12.15 18.42
#